data_4X9I
#
_entry.id   4X9I
#
_cell.length_a   66.746
_cell.length_b   56.673
_cell.length_c   128.688
_cell.angle_alpha   90.00
_cell.angle_beta   92.05
_cell.angle_gamma   90.00
#
_symmetry.space_group_name_H-M   'P 1 21 1'
#
loop_
_entity.id
_entity.type
_entity.pdbx_description
1 polymer 'Down Syndrome Cell Adhesion Molecule,  isoform 9.44'
2 branched alpha-D-mannopyranose-(1-3)-beta-D-mannopyranose-(1-4)-2-acetamido-2-deoxy-beta-D-glucopyranose-(1-4)-2-acetamido-2-deoxy-beta-D-glucopyranose
3 branched 2-acetamido-2-deoxy-beta-D-glucopyranose-(1-4)-2-acetamido-2-deoxy-beta-D-glucopyranose
4 non-polymer GLYCEROL
5 water water
#
_entity_poly.entity_id   1
_entity_poly.type   'polypeptide(L)'
_entity_poly.pdbx_seq_one_letter_code
;GGADQKGPVFLKEPTNRIDFSNSTGAEIECKASGNPMPEIIWIRSDGTAVGDVPGLRQISSDGKLVFPPFRAEDYRQEVH
AQVYACLARNQFGSIISRDVHVRAVVIQSYESEADNEYVIRGNSVVMKCEIPSYVADFVFVDLWLDSEGRNYYPNNAAET
DGKYLVLPSGELHIREVGPEDGYKSYQCRTKHRLTGETRLSATKGRLVITEPVGSKAPTFATASKISSLLGSSSSDIVLL
CQAQAFPVPYTRWYKFIEGTTRKQAVVLNDRVKQVSGTLIIKDAVVEDSGKYLCVVNNSVGGESVETVLTVTAPLSAKID
PPTQTVDFGRPAVFTCQYTGNPIKTVSWMKDGKAIGHSEPVLRIESVKKEDKGMYQCFVRNDQESAEASAELKLGG
;
_entity_poly.pdbx_strand_id   A,B
#
loop_
_chem_comp.id
_chem_comp.type
_chem_comp.name
_chem_comp.formula
BMA D-saccharide, beta linking beta-D-mannopyranose 'C6 H12 O6'
GOL non-polymer GLYCEROL 'C3 H8 O3'
MAN D-saccharide, alpha linking alpha-D-mannopyranose 'C6 H12 O6'
NAG D-saccharide, beta linking 2-acetamido-2-deoxy-beta-D-glucopyranose 'C8 H15 N O6'
#
# COMPACT_ATOMS: atom_id res chain seq x y z
N GLN A 5 28.97 14.39 48.07
CA GLN A 5 30.03 13.37 47.81
C GLN A 5 29.82 12.70 46.46
N LYS A 6 28.58 12.34 46.16
CA LYS A 6 28.25 11.65 44.92
C LYS A 6 26.88 12.06 44.41
N GLY A 7 26.75 12.18 43.10
CA GLY A 7 25.51 12.61 42.48
C GLY A 7 24.52 11.47 42.33
N PRO A 8 23.30 11.78 41.89
CA PRO A 8 22.29 10.74 41.68
C PRO A 8 22.57 9.86 40.46
N VAL A 9 22.25 8.58 40.57
CA VAL A 9 22.32 7.64 39.45
C VAL A 9 21.11 6.72 39.51
N PHE A 10 20.39 6.58 38.40
CA PHE A 10 19.19 5.76 38.39
C PHE A 10 19.53 4.29 38.49
N LEU A 11 19.04 3.65 39.56
CA LEU A 11 19.14 2.21 39.70
C LEU A 11 18.02 1.52 38.91
N LYS A 12 16.81 2.03 39.10
CA LYS A 12 15.63 1.55 38.38
C LYS A 12 14.90 2.71 37.74
N GLU A 13 14.93 2.75 36.41
CA GLU A 13 14.32 3.83 35.65
C GLU A 13 13.06 3.34 34.94
N PRO A 14 11.92 4.05 35.12
CA PRO A 14 10.68 3.63 34.46
C PRO A 14 10.81 3.49 32.95
N THR A 15 10.06 2.57 32.36
CA THR A 15 10.09 2.33 30.92
C THR A 15 9.42 3.47 30.16
N ASN A 16 9.73 3.58 28.87
CA ASN A 16 9.16 4.64 28.04
C ASN A 16 7.64 4.58 27.95
N ARG A 17 7.10 3.37 27.87
CA ARG A 17 5.65 3.19 27.76
C ARG A 17 5.06 2.40 28.92
N ILE A 18 4.10 3.03 29.60
CA ILE A 18 3.29 2.36 30.60
C ILE A 18 1.85 2.32 30.11
N ASP A 19 1.39 1.13 29.75
CA ASP A 19 0.03 0.92 29.29
C ASP A 19 -0.71 -0.01 30.24
N PHE A 20 -1.93 0.38 30.63
CA PHE A 20 -2.74 -0.43 31.53
C PHE A 20 -4.22 -0.13 31.37
N SER A 21 -5.06 -1.09 31.76
CA SER A 21 -6.50 -0.92 31.75
C SER A 21 -6.97 -0.14 32.97
N ASN A 22 -8.14 0.49 32.86
CA ASN A 22 -8.74 1.19 33.98
C ASN A 22 -9.08 0.22 35.12
N SER A 23 -9.19 -1.06 34.80
CA SER A 23 -9.53 -2.08 35.80
C SER A 23 -8.31 -2.53 36.61
N THR A 24 -7.15 -2.63 35.96
CA THR A 24 -5.93 -3.05 36.65
C THR A 24 -5.26 -1.91 37.42
N GLY A 25 -5.18 -0.74 36.79
CA GLY A 25 -4.41 0.36 37.33
C GLY A 25 -2.93 0.09 37.12
N ALA A 26 -2.09 0.89 37.74
CA ALA A 26 -0.64 0.71 37.62
C ALA A 26 0.11 1.35 38.78
N GLU A 27 1.35 0.90 38.99
CA GLU A 27 2.26 1.55 39.93
C GLU A 27 3.65 1.64 39.31
N ILE A 28 4.17 2.86 39.25
CA ILE A 28 5.47 3.12 38.65
C ILE A 28 6.50 3.37 39.74
N GLU A 29 7.63 2.67 39.65
CA GLU A 29 8.68 2.77 40.65
C GLU A 29 9.94 3.39 40.06
N CYS A 30 10.57 4.26 40.86
CA CYS A 30 11.81 4.90 40.48
C CYS A 30 12.74 4.96 41.69
N LYS A 31 13.97 4.50 41.50
CA LYS A 31 14.95 4.47 42.58
C LYS A 31 16.33 4.86 42.07
N ALA A 32 17.07 5.58 42.91
CA ALA A 32 18.39 6.08 42.54
C ALA A 32 19.32 6.13 43.74
N SER A 33 20.61 5.90 43.49
CA SER A 33 21.60 5.95 44.56
C SER A 33 22.19 7.35 44.65
N GLY A 34 23.04 7.55 45.66
CA GLY A 34 23.79 8.79 45.80
C GLY A 34 24.20 9.03 47.25
N ASN A 35 25.07 10.01 47.44
CA ASN A 35 25.59 10.36 48.77
C ASN A 35 25.63 11.87 48.97
N PRO A 36 24.59 12.46 49.60
CA PRO A 36 23.48 11.86 50.35
C PRO A 36 22.42 11.16 49.52
N MET A 37 21.58 10.39 50.19
CA MET A 37 20.48 9.67 49.55
C MET A 37 19.56 10.67 48.83
N PRO A 38 19.45 10.55 47.50
CA PRO A 38 18.61 11.50 46.77
C PRO A 38 17.12 11.35 47.08
N GLU A 39 16.36 12.43 46.92
CA GLU A 39 14.91 12.37 47.04
C GLU A 39 14.29 12.16 45.66
N ILE A 40 13.29 11.29 45.60
CA ILE A 40 12.59 11.02 44.36
C ILE A 40 11.36 11.91 44.26
N ILE A 41 11.29 12.67 43.17
CA ILE A 41 10.15 13.55 42.91
C ILE A 41 9.61 13.32 41.52
N TRP A 42 8.36 12.90 41.44
CA TRP A 42 7.70 12.67 40.16
C TRP A 42 7.30 14.00 39.55
N ILE A 43 7.52 14.12 38.25
CA ILE A 43 7.27 15.35 37.51
C ILE A 43 6.69 15.04 36.15
N ARG A 44 6.16 16.06 35.49
CA ARG A 44 5.77 15.94 34.10
C ARG A 44 7.00 16.14 33.23
N SER A 45 6.83 16.00 31.92
CA SER A 45 7.95 16.14 30.99
C SER A 45 8.44 17.59 30.95
N ASP A 46 7.58 18.52 31.35
CA ASP A 46 7.90 19.94 31.30
C ASP A 46 8.62 20.42 32.56
N GLY A 47 8.70 19.56 33.57
CA GLY A 47 9.47 19.84 34.77
C GLY A 47 8.67 20.16 36.01
N THR A 48 7.36 20.32 35.87
CA THR A 48 6.53 20.66 37.03
C THR A 48 6.24 19.43 37.88
N ALA A 49 6.13 19.63 39.19
CA ALA A 49 5.87 18.54 40.12
C ALA A 49 4.40 18.15 40.12
N VAL A 50 4.14 16.87 40.36
CA VAL A 50 2.77 16.34 40.34
C VAL A 50 2.30 15.97 41.74
N GLY A 51 1.07 16.36 42.05
CA GLY A 51 0.46 16.07 43.34
C GLY A 51 -0.58 14.97 43.24
N ASP A 52 -1.23 14.68 44.37
CA ASP A 52 -2.26 13.66 44.41
C ASP A 52 -3.56 14.13 43.79
N VAL A 53 -4.17 13.27 42.97
CA VAL A 53 -5.51 13.48 42.47
C VAL A 53 -6.39 12.39 43.10
N PRO A 54 -7.38 12.76 43.92
CA PRO A 54 -8.13 11.75 44.67
C PRO A 54 -8.70 10.64 43.80
N GLY A 55 -8.43 9.40 44.18
CA GLY A 55 -8.94 8.24 43.50
C GLY A 55 -8.29 7.94 42.15
N LEU A 56 -7.42 8.84 41.70
CA LEU A 56 -6.86 8.78 40.36
C LEU A 56 -5.34 8.66 40.36
N ARG A 57 -4.66 9.65 40.94
CA ARG A 57 -3.20 9.65 41.03
C ARG A 57 -2.74 9.84 42.47
N GLN A 58 -1.85 8.97 42.92
CA GLN A 58 -1.34 9.01 44.29
C GLN A 58 0.17 8.76 44.34
N ILE A 59 0.86 9.53 45.18
CA ILE A 59 2.25 9.25 45.51
C ILE A 59 2.26 8.34 46.73
N SER A 60 2.84 7.15 46.58
CA SER A 60 2.79 6.15 47.65
C SER A 60 3.76 6.49 48.77
N SER A 61 3.76 5.66 49.81
CA SER A 61 4.60 5.87 50.97
C SER A 61 6.07 5.64 50.65
N ASP A 62 6.32 4.76 49.68
CA ASP A 62 7.68 4.39 49.31
C ASP A 62 8.20 5.23 48.13
N GLY A 63 7.38 6.15 47.65
CA GLY A 63 7.77 7.06 46.59
C GLY A 63 7.38 6.60 45.19
N LYS A 64 6.44 5.66 45.11
CA LYS A 64 5.96 5.18 43.82
C LYS A 64 4.79 6.03 43.33
N LEU A 65 4.75 6.29 42.03
CA LEU A 65 3.63 6.98 41.41
C LEU A 65 2.55 5.95 41.07
N VAL A 66 1.38 6.11 41.66
CA VAL A 66 0.33 5.10 41.58
C VAL A 66 -0.93 5.61 40.88
N PHE A 67 -1.52 4.74 40.07
CA PHE A 67 -2.80 5.01 39.42
C PHE A 67 -3.78 3.89 39.73
N PRO A 68 -4.53 4.01 40.84
CA PRO A 68 -5.46 2.92 41.16
C PRO A 68 -6.57 2.77 40.13
N PRO A 69 -7.21 1.59 40.08
CA PRO A 69 -8.29 1.38 39.11
C PRO A 69 -9.43 2.38 39.30
N PHE A 70 -10.09 2.73 38.19
CA PHE A 70 -11.05 3.83 38.18
C PHE A 70 -12.16 3.60 37.17
N ARG A 71 -13.31 4.25 37.41
CA ARG A 71 -14.42 4.17 36.48
C ARG A 71 -14.10 4.92 35.19
N ALA A 72 -14.64 4.43 34.07
CA ALA A 72 -14.40 5.05 32.78
C ALA A 72 -14.86 6.49 32.74
N GLU A 73 -15.86 6.82 33.55
CA GLU A 73 -16.43 8.16 33.58
C GLU A 73 -15.51 9.15 34.31
N ASP A 74 -14.52 8.61 35.02
CA ASP A 74 -13.57 9.42 35.76
C ASP A 74 -12.30 9.69 34.95
N TYR A 75 -12.28 9.27 33.70
CA TYR A 75 -11.10 9.43 32.86
C TYR A 75 -10.72 10.89 32.68
N ARG A 76 -9.47 11.21 33.02
CA ARG A 76 -8.91 12.55 32.87
C ARG A 76 -7.66 12.50 32.01
N GLN A 77 -7.61 13.32 30.96
CA GLN A 77 -6.46 13.35 30.07
C GLN A 77 -5.23 13.89 30.76
N GLU A 78 -5.44 14.82 31.69
CA GLU A 78 -4.34 15.52 32.36
C GLU A 78 -3.56 14.57 33.25
N VAL A 79 -4.17 13.44 33.58
CA VAL A 79 -3.58 12.41 34.43
C VAL A 79 -3.18 11.21 33.60
N HIS A 80 -4.19 10.60 32.97
CA HIS A 80 -4.03 9.31 32.33
C HIS A 80 -3.32 9.35 30.97
N ALA A 81 -3.48 10.44 30.23
CA ALA A 81 -2.85 10.56 28.91
C ALA A 81 -1.51 11.30 28.98
N GLN A 82 -1.07 11.62 30.20
CA GLN A 82 0.08 12.48 30.41
C GLN A 82 1.42 11.76 30.26
N VAL A 83 2.44 12.50 29.82
CA VAL A 83 3.82 12.02 29.78
C VAL A 83 4.54 12.48 31.05
N TYR A 84 4.99 11.50 31.84
CA TYR A 84 5.64 11.79 33.12
C TYR A 84 7.16 11.59 33.07
N ALA A 85 7.80 11.86 34.20
CA ALA A 85 9.23 11.65 34.36
C ALA A 85 9.58 11.55 35.85
N CYS A 86 10.76 11.02 36.14
CA CYS A 86 11.23 10.86 37.51
C CYS A 86 12.42 11.79 37.78
N LEU A 87 12.32 12.58 38.83
CA LEU A 87 13.36 13.53 39.21
C LEU A 87 14.08 13.07 40.47
N ALA A 88 15.38 12.82 40.34
CA ALA A 88 16.22 12.44 41.47
C ALA A 88 17.15 13.60 41.82
N ARG A 89 16.94 14.20 42.98
CA ARG A 89 17.67 15.41 43.37
C ARG A 89 18.55 15.19 44.58
N ASN A 90 19.67 15.92 44.61
CA ASN A 90 20.65 15.83 45.66
C ASN A 90 21.24 17.22 45.91
N GLN A 91 21.93 17.39 47.04
CA GLN A 91 22.63 18.63 47.31
C GLN A 91 23.66 18.89 46.21
N PHE A 92 24.13 17.82 45.60
CA PHE A 92 25.13 17.87 44.56
C PHE A 92 24.53 18.28 43.21
N GLY A 93 23.26 17.91 43.00
CA GLY A 93 22.57 18.22 41.76
C GLY A 93 21.33 17.35 41.59
N SER A 94 20.79 17.36 40.36
CA SER A 94 19.59 16.60 40.06
C SER A 94 19.63 16.01 38.65
N ILE A 95 18.90 14.92 38.45
CA ILE A 95 18.77 14.30 37.14
C ILE A 95 17.33 13.93 36.85
N ILE A 96 16.98 13.92 35.56
CA ILE A 96 15.63 13.60 35.12
C ILE A 96 15.64 12.32 34.28
N SER A 97 14.68 11.44 34.56
CA SER A 97 14.54 10.17 33.85
C SER A 97 14.00 10.38 32.45
N ARG A 98 14.15 9.36 31.61
CA ARG A 98 13.59 9.38 30.26
C ARG A 98 12.08 9.50 30.32
N ASP A 99 11.49 9.99 29.23
CA ASP A 99 10.04 10.20 29.18
C ASP A 99 9.27 8.94 29.51
N VAL A 100 8.36 9.06 30.48
CA VAL A 100 7.46 7.98 30.82
C VAL A 100 6.10 8.29 30.23
N HIS A 101 5.72 7.53 29.20
CA HIS A 101 4.45 7.75 28.54
C HIS A 101 3.40 6.86 29.19
N VAL A 102 2.47 7.50 29.90
CA VAL A 102 1.38 6.81 30.56
C VAL A 102 0.14 6.87 29.69
N ARG A 103 -0.41 5.70 29.39
CA ARG A 103 -1.72 5.62 28.75
C ARG A 103 -2.60 4.66 29.52
N ALA A 104 -3.64 5.18 30.15
CA ALA A 104 -4.68 4.35 30.74
C ALA A 104 -5.75 4.15 29.69
N VAL A 105 -6.13 2.89 29.47
CA VAL A 105 -7.11 2.55 28.45
C VAL A 105 -8.37 1.99 29.11
N VAL A 106 -9.51 2.57 28.76
CA VAL A 106 -10.78 1.98 29.16
C VAL A 106 -11.06 0.82 28.22
N ILE A 107 -11.26 -0.36 28.79
CA ILE A 107 -11.43 -1.56 27.99
C ILE A 107 -12.82 -1.58 27.35
N GLN A 108 -12.83 -1.68 26.02
CA GLN A 108 -14.06 -1.64 25.25
C GLN A 108 -14.14 -2.87 24.34
N SER A 109 -15.33 -3.45 24.28
CA SER A 109 -15.54 -4.71 23.56
C SER A 109 -15.20 -4.59 22.09
N TYR A 110 -14.76 -5.70 21.49
CA TYR A 110 -14.34 -5.71 20.10
C TYR A 110 -14.66 -7.06 19.45
N GLU A 111 -14.68 -7.05 18.12
CA GLU A 111 -14.87 -8.28 17.34
C GLU A 111 -13.84 -8.39 16.22
N SER A 112 -13.22 -9.57 16.14
CA SER A 112 -12.28 -9.87 15.07
C SER A 112 -12.96 -10.76 14.03
N GLU A 113 -12.60 -10.57 12.76
CA GLU A 113 -13.18 -11.33 11.67
C GLU A 113 -12.09 -12.04 10.87
N ALA A 114 -12.27 -13.35 10.67
CA ALA A 114 -11.37 -14.12 9.83
C ALA A 114 -11.88 -14.11 8.40
N ASP A 115 -11.11 -13.50 7.50
CA ASP A 115 -11.55 -13.33 6.11
C ASP A 115 -11.41 -14.61 5.30
N ASN A 116 -12.31 -14.79 4.35
CA ASN A 116 -12.22 -15.88 3.39
C ASN A 116 -11.19 -15.55 2.32
N GLU A 117 -10.63 -16.59 1.70
CA GLU A 117 -9.62 -16.41 0.65
C GLU A 117 -9.98 -17.22 -0.58
N TYR A 118 -10.10 -16.54 -1.71
CA TYR A 118 -10.37 -17.19 -2.99
C TYR A 118 -9.05 -17.50 -3.68
N VAL A 119 -8.83 -18.78 -3.94
CA VAL A 119 -7.52 -19.27 -4.36
C VAL A 119 -7.58 -20.08 -5.64
N ILE A 120 -6.57 -19.90 -6.48
CA ILE A 120 -6.35 -20.77 -7.64
C ILE A 120 -5.60 -22.00 -7.15
N ARG A 121 -6.06 -23.17 -7.59
CA ARG A 121 -5.49 -24.43 -7.11
C ARG A 121 -3.98 -24.50 -7.28
N GLY A 122 -3.30 -24.88 -6.19
CA GLY A 122 -1.86 -25.08 -6.21
C GLY A 122 -1.06 -23.94 -5.61
N ASN A 123 -1.66 -22.75 -5.54
CA ASN A 123 -0.98 -21.59 -5.00
C ASN A 123 -1.02 -21.56 -3.47
N SER A 124 0.04 -21.04 -2.87
CA SER A 124 0.09 -20.85 -1.42
C SER A 124 -0.70 -19.61 -1.04
N VAL A 125 -1.16 -19.57 0.20
CA VAL A 125 -1.96 -18.44 0.68
C VAL A 125 -1.58 -18.02 2.10
N VAL A 126 -2.07 -16.85 2.48
CA VAL A 126 -1.93 -16.34 3.83
C VAL A 126 -3.30 -15.84 4.31
N MET A 127 -3.71 -16.28 5.49
CA MET A 127 -5.01 -15.90 6.04
C MET A 127 -4.85 -14.80 7.09
N LYS A 128 -5.67 -13.77 6.96
CA LYS A 128 -5.55 -12.57 7.80
C LYS A 128 -6.51 -12.64 8.98
N CYS A 129 -6.04 -12.15 10.13
CA CYS A 129 -6.92 -11.90 11.27
C CYS A 129 -7.21 -10.41 11.32
N GLU A 130 -8.45 -10.05 10.99
CA GLU A 130 -8.84 -8.64 10.96
C GLU A 130 -9.14 -8.15 12.36
N ILE A 131 -8.35 -7.19 12.82
CA ILE A 131 -8.49 -6.61 14.15
C ILE A 131 -8.89 -5.14 14.03
N PRO A 132 -10.04 -4.76 14.61
CA PRO A 132 -10.46 -3.35 14.57
C PRO A 132 -9.35 -2.40 15.01
N SER A 133 -9.18 -1.31 14.28
CA SER A 133 -8.04 -0.42 14.46
C SER A 133 -7.95 0.20 15.85
N TYR A 134 -9.08 0.32 16.54
CA TYR A 134 -9.10 1.02 17.81
C TYR A 134 -8.51 0.16 18.94
N VAL A 135 -8.59 -1.16 18.79
CA VAL A 135 -7.91 -2.09 19.70
C VAL A 135 -6.58 -2.61 19.13
N ALA A 136 -6.26 -2.18 17.91
CA ALA A 136 -5.13 -2.74 17.18
C ALA A 136 -3.80 -2.67 17.93
N ASP A 137 -3.70 -1.73 18.85
CA ASP A 137 -2.46 -1.55 19.60
C ASP A 137 -2.31 -2.65 20.65
N PHE A 138 -3.41 -2.99 21.30
CA PHE A 138 -3.41 -3.91 22.43
C PHE A 138 -3.84 -5.35 22.12
N VAL A 139 -4.15 -5.64 20.85
CA VAL A 139 -4.64 -6.96 20.46
C VAL A 139 -3.75 -7.63 19.40
N PHE A 140 -3.45 -8.90 19.63
CA PHE A 140 -2.65 -9.70 18.70
C PHE A 140 -3.19 -11.12 18.61
N VAL A 141 -2.73 -11.87 17.62
CA VAL A 141 -3.21 -13.24 17.38
C VAL A 141 -2.60 -14.23 18.37
N ASP A 142 -3.47 -14.91 19.12
CA ASP A 142 -3.05 -15.94 20.07
C ASP A 142 -2.73 -17.26 19.35
N LEU A 143 -3.64 -17.65 18.46
CA LEU A 143 -3.51 -18.90 17.72
C LEU A 143 -4.64 -19.05 16.70
N TRP A 144 -4.49 -20.00 15.79
CA TRP A 144 -5.50 -20.29 14.79
C TRP A 144 -6.15 -21.65 15.08
N LEU A 145 -7.43 -21.75 14.74
CA LEU A 145 -8.23 -22.94 15.03
C LEU A 145 -9.09 -23.29 13.82
N ASP A 146 -9.30 -24.59 13.60
CA ASP A 146 -10.08 -25.05 12.46
C ASP A 146 -11.26 -25.91 12.93
N SER A 147 -12.22 -26.12 12.04
CA SER A 147 -13.46 -26.81 12.37
C SER A 147 -13.25 -28.21 12.93
N GLU A 148 -12.14 -28.84 12.55
CA GLU A 148 -11.85 -30.21 12.96
C GLU A 148 -11.12 -30.25 14.30
N GLY A 149 -10.79 -29.08 14.84
CA GLY A 149 -10.24 -28.97 16.18
C GLY A 149 -8.72 -28.95 16.25
N ARG A 150 -8.07 -28.71 15.12
CA ARG A 150 -6.61 -28.62 15.09
C ARG A 150 -6.14 -27.21 15.41
N ASN A 151 -5.09 -27.13 16.22
CA ASN A 151 -4.52 -25.84 16.62
C ASN A 151 -3.22 -25.54 15.88
N TYR A 152 -3.12 -24.31 15.40
CA TYR A 152 -1.89 -23.81 14.78
C TYR A 152 -1.38 -22.65 15.62
N TYR A 153 -0.12 -22.77 16.06
CA TYR A 153 0.42 -21.84 17.05
C TYR A 153 1.52 -20.96 16.46
N PRO A 154 1.67 -19.73 16.98
CA PRO A 154 2.79 -18.88 16.54
C PRO A 154 4.14 -19.46 16.93
N ASN A 155 5.13 -19.28 16.07
CA ASN A 155 6.48 -19.72 16.39
C ASN A 155 7.53 -18.84 15.73
N ASN A 156 8.61 -18.57 16.44
CA ASN A 156 9.82 -18.08 15.79
C ASN A 156 10.15 -19.17 14.80
N ALA A 157 10.41 -18.84 13.55
CA ALA A 157 10.41 -19.90 12.56
C ALA A 157 11.81 -20.49 12.52
N ALA A 158 11.94 -21.62 13.20
CA ALA A 158 13.14 -22.43 13.17
C ALA A 158 13.04 -23.36 11.98
N GLU A 159 11.85 -23.91 11.81
CA GLU A 159 11.56 -24.84 10.73
C GLU A 159 10.33 -24.40 9.95
N THR A 160 10.54 -24.09 8.67
CA THR A 160 9.50 -23.56 7.83
C THR A 160 8.81 -24.65 7.01
N ASP A 161 9.31 -25.88 7.12
CA ASP A 161 8.71 -27.00 6.39
C ASP A 161 7.39 -27.40 7.05
N GLY A 162 6.54 -28.07 6.28
CA GLY A 162 5.20 -28.40 6.72
C GLY A 162 4.18 -27.53 6.01
N LYS A 163 2.94 -28.01 5.96
CA LYS A 163 1.89 -27.33 5.19
C LYS A 163 1.46 -26.02 5.84
N TYR A 164 1.08 -26.09 7.11
CA TYR A 164 0.60 -24.92 7.83
C TYR A 164 1.70 -24.28 8.66
N LEU A 165 1.87 -22.97 8.49
CA LEU A 165 2.83 -22.20 9.29
C LEU A 165 2.22 -20.88 9.72
N VAL A 166 2.19 -20.65 11.03
CA VAL A 166 1.75 -19.38 11.57
C VAL A 166 2.91 -18.41 11.51
N LEU A 167 2.72 -17.31 10.78
CA LEU A 167 3.79 -16.34 10.61
C LEU A 167 3.99 -15.53 11.90
N PRO A 168 5.22 -15.04 12.12
CA PRO A 168 5.49 -14.17 13.28
C PRO A 168 4.56 -12.97 13.35
N SER A 169 4.07 -12.52 12.20
CA SER A 169 3.20 -11.35 12.13
C SER A 169 1.74 -11.71 12.44
N GLY A 170 1.48 -12.99 12.68
CA GLY A 170 0.18 -13.44 13.14
C GLY A 170 -0.70 -14.11 12.10
N GLU A 171 -0.40 -13.91 10.83
CA GLU A 171 -1.20 -14.52 9.77
C GLU A 171 -0.90 -16.01 9.66
N LEU A 172 -1.85 -16.76 9.11
CA LEU A 172 -1.70 -18.20 8.93
C LEU A 172 -1.36 -18.53 7.48
N HIS A 173 -0.16 -19.06 7.28
CA HIS A 173 0.32 -19.38 5.94
C HIS A 173 0.07 -20.84 5.60
N ILE A 174 -0.38 -21.07 4.36
CA ILE A 174 -0.72 -22.41 3.89
C ILE A 174 -0.09 -22.69 2.53
N ARG A 175 0.71 -23.74 2.46
CA ARG A 175 1.33 -24.16 1.21
C ARG A 175 0.37 -24.94 0.31
N GLU A 176 0.47 -24.70 -0.99
CA GLU A 176 -0.13 -25.56 -2.01
C GLU A 176 -1.53 -26.04 -1.68
N VAL A 177 -2.49 -25.12 -1.59
CA VAL A 177 -3.85 -25.52 -1.22
C VAL A 177 -4.53 -26.22 -2.39
N GLY A 178 -5.02 -27.42 -2.12
CA GLY A 178 -5.81 -28.18 -3.08
C GLY A 178 -7.27 -28.16 -2.67
N PRO A 179 -8.11 -28.89 -3.41
CA PRO A 179 -9.53 -29.00 -3.05
C PRO A 179 -9.73 -29.67 -1.70
N GLU A 180 -8.73 -30.43 -1.26
CA GLU A 180 -8.84 -31.18 -0.02
C GLU A 180 -8.76 -30.28 1.21
N ASP A 181 -8.37 -29.02 1.02
CA ASP A 181 -8.27 -28.06 2.10
C ASP A 181 -9.51 -27.17 2.20
N GLY A 182 -10.46 -27.39 1.30
CA GLY A 182 -11.64 -26.53 1.22
C GLY A 182 -12.78 -26.95 2.13
N TYR A 183 -12.65 -28.11 2.77
CA TYR A 183 -13.69 -28.60 3.66
C TYR A 183 -13.51 -28.07 5.08
N LYS A 184 -12.42 -27.34 5.30
CA LYS A 184 -12.14 -26.75 6.61
C LYS A 184 -12.53 -25.28 6.65
N SER A 185 -13.01 -24.84 7.81
CA SER A 185 -13.21 -23.43 8.09
C SER A 185 -12.26 -23.02 9.21
N TYR A 186 -11.57 -21.89 9.00
CA TYR A 186 -10.56 -21.44 9.94
C TYR A 186 -11.05 -20.29 10.82
N GLN A 187 -10.60 -20.31 12.06
CA GLN A 187 -10.98 -19.32 13.06
C GLN A 187 -9.73 -18.90 13.81
N CYS A 188 -9.67 -17.62 14.21
CA CYS A 188 -8.50 -17.08 14.89
C CYS A 188 -8.85 -16.59 16.29
N ARG A 189 -7.99 -16.92 17.25
CA ARG A 189 -8.11 -16.43 18.61
C ARG A 189 -7.25 -15.18 18.79
N THR A 190 -7.85 -14.14 19.36
CA THR A 190 -7.14 -12.90 19.64
C THR A 190 -6.88 -12.77 21.13
N LYS A 191 -5.76 -12.13 21.47
CA LYS A 191 -5.35 -11.93 22.86
C LYS A 191 -5.18 -10.44 23.14
N HIS A 192 -5.76 -9.97 24.24
CA HIS A 192 -5.59 -8.58 24.66
C HIS A 192 -4.43 -8.47 25.65
N ARG A 193 -3.45 -7.64 25.30
CA ARG A 193 -2.23 -7.52 26.11
C ARG A 193 -2.51 -7.04 27.53
N LEU A 194 -3.47 -6.13 27.69
CA LEU A 194 -3.75 -5.53 28.99
C LEU A 194 -4.61 -6.44 29.89
N THR A 195 -5.70 -6.96 29.35
CA THR A 195 -6.62 -7.77 30.14
C THR A 195 -6.24 -9.25 30.15
N GLY A 196 -5.38 -9.65 29.23
CA GLY A 196 -4.97 -11.04 29.10
C GLY A 196 -6.10 -11.97 28.71
N GLU A 197 -7.24 -11.40 28.33
CA GLU A 197 -8.42 -12.19 28.00
C GLU A 197 -8.43 -12.60 26.52
N THR A 198 -8.86 -13.84 26.26
CA THR A 198 -8.87 -14.39 24.90
C THR A 198 -10.27 -14.37 24.30
N ARG A 199 -10.34 -14.12 22.99
CA ARG A 199 -11.62 -14.09 22.28
C ARG A 199 -11.47 -14.66 20.87
N LEU A 200 -12.41 -15.52 20.49
CA LEU A 200 -12.44 -16.07 19.13
C LEU A 200 -13.08 -15.09 18.17
N SER A 201 -12.70 -15.20 16.89
CA SER A 201 -13.29 -14.37 15.85
C SER A 201 -14.76 -14.69 15.65
N ALA A 202 -15.55 -13.66 15.35
CA ALA A 202 -16.98 -13.83 15.18
C ALA A 202 -17.31 -14.61 13.92
N THR A 203 -16.45 -14.48 12.91
CA THR A 203 -16.66 -15.12 11.62
C THR A 203 -15.58 -16.14 11.29
N LYS A 204 -16.01 -17.33 10.88
CA LYS A 204 -15.09 -18.36 10.42
C LYS A 204 -14.79 -18.16 8.94
N GLY A 205 -13.49 -18.05 8.62
CA GLY A 205 -13.07 -17.94 7.23
C GLY A 205 -12.81 -19.33 6.67
N ARG A 206 -12.99 -19.48 5.35
CA ARG A 206 -12.72 -20.76 4.70
C ARG A 206 -12.17 -20.56 3.29
N LEU A 207 -11.37 -21.52 2.85
CA LEU A 207 -10.71 -21.44 1.56
C LEU A 207 -11.60 -21.87 0.41
N VAL A 208 -11.73 -20.99 -0.58
CA VAL A 208 -12.44 -21.32 -1.81
C VAL A 208 -11.41 -21.63 -2.89
N ILE A 209 -11.31 -22.90 -3.27
CA ILE A 209 -10.35 -23.34 -4.27
C ILE A 209 -11.03 -23.42 -5.63
N THR A 210 -10.61 -22.54 -6.54
CA THR A 210 -11.13 -22.51 -7.89
C THR A 210 -10.18 -23.26 -8.81
N GLU A 211 -10.70 -24.25 -9.52
CA GLU A 211 -9.88 -25.03 -10.43
C GLU A 211 -9.54 -24.19 -11.66
N PRO A 212 -8.25 -24.09 -11.99
CA PRO A 212 -7.85 -23.20 -13.10
C PRO A 212 -8.42 -23.62 -14.46
N VAL A 213 -9.03 -22.66 -15.15
CA VAL A 213 -9.48 -22.86 -16.52
C VAL A 213 -8.64 -21.97 -17.44
N GLY A 214 -7.77 -22.62 -18.22
CA GLY A 214 -6.82 -21.90 -19.04
C GLY A 214 -5.62 -21.44 -18.22
N SER A 215 -4.91 -20.43 -18.74
CA SER A 215 -3.72 -19.92 -18.08
C SER A 215 -3.93 -18.49 -17.59
N LYS A 216 -3.28 -18.14 -16.49
CA LYS A 216 -3.41 -16.81 -15.90
C LYS A 216 -2.06 -16.26 -15.49
N ALA A 217 -1.86 -14.96 -15.71
CA ALA A 217 -0.61 -14.31 -15.34
C ALA A 217 -0.64 -13.94 -13.85
N PRO A 218 0.55 -13.70 -13.27
CA PRO A 218 0.62 -13.29 -11.86
C PRO A 218 -0.23 -12.06 -11.56
N THR A 219 -1.05 -12.17 -10.52
CA THR A 219 -1.93 -11.08 -10.11
C THR A 219 -1.93 -10.92 -8.60
N PHE A 220 -1.57 -9.72 -8.15
CA PHE A 220 -1.54 -9.40 -6.73
C PHE A 220 -2.93 -9.05 -6.20
N ALA A 221 -3.10 -9.22 -4.89
CA ALA A 221 -4.35 -8.87 -4.23
C ALA A 221 -4.70 -7.40 -4.42
N THR A 222 -3.67 -6.57 -4.59
CA THR A 222 -3.84 -5.13 -4.77
C THR A 222 -3.03 -4.63 -5.96
N ALA A 223 -3.43 -3.48 -6.50
CA ALA A 223 -2.76 -2.90 -7.66
C ALA A 223 -1.57 -2.03 -7.26
N SER A 224 -1.40 -1.81 -5.96
CA SER A 224 -0.29 -1.00 -5.46
C SER A 224 1.02 -1.76 -5.64
N LYS A 225 1.97 -1.13 -6.34
CA LYS A 225 3.23 -1.76 -6.68
C LYS A 225 4.32 -1.46 -5.66
N ILE A 226 3.97 -0.71 -4.61
CA ILE A 226 4.93 -0.37 -3.57
C ILE A 226 4.24 -0.19 -2.22
N SER A 227 4.96 -0.51 -1.15
CA SER A 227 4.47 -0.31 0.20
C SER A 227 5.65 -0.21 1.16
N SER A 228 5.34 -0.08 2.45
CA SER A 228 6.39 0.01 3.47
C SER A 228 5.92 -0.62 4.77
N LEU A 229 6.88 -0.96 5.62
CA LEU A 229 6.57 -1.43 6.97
C LEU A 229 7.72 -1.13 7.91
N LEU A 230 7.40 -1.08 9.20
CA LEU A 230 8.39 -0.84 10.24
C LEU A 230 8.66 -2.14 10.98
N GLY A 231 9.87 -2.28 11.49
CA GLY A 231 10.23 -3.48 12.24
C GLY A 231 11.26 -3.18 13.31
N SER A 232 11.30 -4.05 14.31
CA SER A 232 12.23 -3.91 15.43
C SER A 232 13.45 -4.78 15.21
N SER A 233 14.61 -4.29 15.64
CA SER A 233 15.82 -5.09 15.62
C SER A 233 15.64 -6.28 16.57
N SER A 234 16.24 -7.41 16.23
CA SER A 234 16.18 -8.61 17.05
C SER A 234 14.82 -9.31 17.01
N SER A 235 13.87 -8.72 16.27
CA SER A 235 12.55 -9.31 16.10
C SER A 235 12.41 -9.92 14.71
N ASP A 236 11.61 -10.98 14.61
CA ASP A 236 11.41 -11.65 13.34
C ASP A 236 10.45 -10.87 12.46
N ILE A 237 10.92 -10.44 11.30
CA ILE A 237 10.14 -9.60 10.38
C ILE A 237 9.67 -10.40 9.17
N VAL A 238 8.46 -10.08 8.70
CA VAL A 238 7.83 -10.78 7.59
C VAL A 238 7.56 -9.84 6.42
N LEU A 239 8.06 -10.22 5.24
CA LEU A 239 7.72 -9.52 4.01
C LEU A 239 6.83 -10.41 3.15
N LEU A 240 5.57 -10.02 3.01
CA LEU A 240 4.61 -10.80 2.27
C LEU A 240 4.69 -10.53 0.77
N CYS A 241 4.53 -11.60 -0.01
CA CYS A 241 4.26 -11.48 -1.43
C CYS A 241 3.02 -12.30 -1.72
N GLN A 242 1.92 -11.62 -2.04
CA GLN A 242 0.65 -12.29 -2.28
C GLN A 242 0.31 -12.21 -3.75
N ALA A 243 0.44 -13.34 -4.43
CA ALA A 243 0.13 -13.43 -5.85
C ALA A 243 -0.36 -14.83 -6.19
N GLN A 244 -1.34 -14.89 -7.08
CA GLN A 244 -1.87 -16.16 -7.55
C GLN A 244 -1.79 -16.20 -9.06
N ALA A 245 -1.43 -17.37 -9.60
CA ALA A 245 -1.37 -17.55 -11.03
C ALA A 245 -1.46 -19.03 -11.36
N PHE A 246 -1.80 -19.33 -12.61
CA PHE A 246 -1.67 -20.68 -13.12
C PHE A 246 -0.99 -20.62 -14.49
N PRO A 247 -0.02 -21.51 -14.74
CA PRO A 247 0.60 -22.45 -13.79
C PRO A 247 1.24 -21.73 -12.61
N VAL A 248 1.37 -22.42 -11.48
CA VAL A 248 1.82 -21.80 -10.23
C VAL A 248 3.17 -21.09 -10.43
N PRO A 249 3.22 -19.79 -10.09
CA PRO A 249 4.43 -19.01 -10.33
C PRO A 249 5.53 -19.26 -9.30
N TYR A 250 6.77 -18.95 -9.65
CA TYR A 250 7.87 -18.97 -8.70
C TYR A 250 8.23 -17.54 -8.31
N THR A 251 8.63 -17.35 -7.05
CA THR A 251 8.92 -16.03 -6.52
C THR A 251 10.38 -15.92 -6.11
N ARG A 252 10.99 -14.79 -6.44
CA ARG A 252 12.36 -14.49 -6.02
C ARG A 252 12.41 -13.09 -5.44
N TRP A 253 13.22 -12.92 -4.39
CA TRP A 253 13.37 -11.64 -3.72
C TRP A 253 14.72 -11.01 -4.05
N TYR A 254 14.71 -9.71 -4.31
CA TYR A 254 15.92 -8.95 -4.56
C TYR A 254 15.99 -7.74 -3.62
N LYS A 255 17.20 -7.25 -3.40
CA LYS A 255 17.41 -6.04 -2.61
C LYS A 255 18.20 -5.01 -3.39
N PHE A 256 17.63 -3.81 -3.51
CA PHE A 256 18.31 -2.73 -4.23
C PHE A 256 19.51 -2.23 -3.44
N ILE A 257 20.49 -1.70 -4.18
CA ILE A 257 21.62 -1.02 -3.57
C ILE A 257 21.17 0.40 -3.26
N GLU A 258 21.69 0.96 -2.16
CA GLU A 258 21.22 2.26 -1.66
C GLU A 258 21.38 3.35 -2.72
N GLY A 259 20.28 4.03 -3.02
CA GLY A 259 20.28 5.11 -3.99
C GLY A 259 20.68 4.68 -5.39
N THR A 260 20.49 3.39 -5.69
CA THR A 260 20.84 2.85 -7.00
C THR A 260 19.70 2.00 -7.56
N THR A 261 19.70 1.83 -8.88
CA THR A 261 18.73 0.98 -9.55
C THR A 261 19.17 -0.49 -9.48
N ARG A 262 20.47 -0.69 -9.25
CA ARG A 262 21.04 -2.04 -9.21
C ARG A 262 20.54 -2.79 -7.98
N LYS A 263 20.44 -4.10 -8.09
CA LYS A 263 19.89 -4.93 -7.02
C LYS A 263 20.53 -6.31 -6.97
N GLN A 264 20.55 -6.91 -5.78
CA GLN A 264 21.12 -8.23 -5.57
C GLN A 264 20.05 -9.21 -5.10
N ALA A 265 20.22 -10.48 -5.46
CA ALA A 265 19.33 -11.53 -4.98
C ALA A 265 19.53 -11.75 -3.50
N VAL A 266 18.44 -11.73 -2.75
CA VAL A 266 18.50 -11.95 -1.31
C VAL A 266 19.06 -13.35 -1.03
N VAL A 267 20.10 -13.39 -0.21
CA VAL A 267 20.73 -14.66 0.17
C VAL A 267 19.94 -15.30 1.30
N LEU A 268 19.57 -16.56 1.12
CA LEU A 268 18.76 -17.29 2.09
C LEU A 268 19.63 -18.20 2.95
N ASN A 269 19.39 -18.14 4.26
CA ASN A 269 20.18 -18.88 5.23
C ASN A 269 19.33 -19.29 6.44
N ASP A 270 19.99 -19.75 7.51
CA ASP A 270 19.30 -20.20 8.71
C ASP A 270 18.55 -19.08 9.44
N ARG A 271 18.81 -17.83 9.05
CA ARG A 271 18.14 -16.69 9.67
C ARG A 271 17.16 -16.09 8.67
N VAL A 272 17.65 -15.63 7.52
CA VAL A 272 16.77 -15.16 6.45
C VAL A 272 16.23 -16.37 5.68
N LYS A 273 14.90 -16.52 5.68
CA LYS A 273 14.26 -17.67 5.05
C LYS A 273 13.12 -17.24 4.12
N GLN A 274 12.84 -18.07 3.12
CA GLN A 274 11.71 -17.86 2.23
C GLN A 274 10.74 -19.02 2.28
N VAL A 275 9.50 -18.74 2.67
CA VAL A 275 8.44 -19.73 2.67
C VAL A 275 7.55 -19.49 1.47
N SER A 276 7.64 -20.38 0.48
CA SER A 276 6.93 -20.18 -0.78
C SER A 276 7.26 -18.79 -1.33
N GLY A 277 6.26 -17.92 -1.44
CA GLY A 277 6.47 -16.58 -1.93
C GLY A 277 6.79 -15.56 -0.86
N THR A 278 6.58 -15.93 0.40
CA THR A 278 6.79 -15.00 1.52
C THR A 278 8.23 -15.05 2.02
N LEU A 279 8.74 -13.89 2.42
CA LEU A 279 10.09 -13.76 2.95
C LEU A 279 10.06 -13.44 4.44
N ILE A 280 10.84 -14.19 5.21
CA ILE A 280 10.94 -13.99 6.66
C ILE A 280 12.37 -13.66 7.05
N ILE A 281 12.54 -12.56 7.78
CA ILE A 281 13.83 -12.16 8.29
C ILE A 281 13.83 -12.30 9.81
N LYS A 282 14.51 -13.33 10.29
CA LYS A 282 14.65 -13.57 11.72
C LYS A 282 15.79 -12.76 12.31
N ASP A 283 15.64 -12.41 13.59
CA ASP A 283 16.70 -11.71 14.32
C ASP A 283 17.18 -10.49 13.54
N ALA A 284 16.23 -9.65 13.15
CA ALA A 284 16.51 -8.54 12.25
C ALA A 284 17.51 -7.57 12.87
N VAL A 285 18.27 -6.93 12.00
CA VAL A 285 19.23 -5.91 12.41
C VAL A 285 19.01 -4.67 11.54
N VAL A 286 19.48 -3.53 12.02
CA VAL A 286 19.26 -2.26 11.32
C VAL A 286 19.68 -2.30 9.86
N GLU A 287 20.74 -3.04 9.57
CA GLU A 287 21.29 -3.10 8.22
C GLU A 287 20.35 -3.80 7.24
N ASP A 288 19.34 -4.49 7.76
CA ASP A 288 18.34 -5.13 6.90
C ASP A 288 17.42 -4.10 6.28
N SER A 289 17.50 -2.86 6.75
CA SER A 289 16.72 -1.77 6.18
C SER A 289 17.09 -1.58 4.73
N GLY A 290 16.13 -1.15 3.92
CA GLY A 290 16.36 -0.91 2.50
C GLY A 290 15.12 -1.11 1.66
N LYS A 291 15.33 -1.11 0.35
CA LYS A 291 14.26 -1.28 -0.62
C LYS A 291 14.33 -2.68 -1.21
N TYR A 292 13.26 -3.45 -1.03
CA TYR A 292 13.20 -4.83 -1.49
C TYR A 292 12.25 -4.97 -2.66
N LEU A 293 12.53 -5.95 -3.52
CA LEU A 293 11.68 -6.20 -4.69
C LEU A 293 11.29 -7.68 -4.76
N CYS A 294 9.98 -7.92 -4.82
CA CYS A 294 9.43 -9.26 -5.00
C CYS A 294 9.04 -9.45 -6.46
N VAL A 295 9.65 -10.45 -7.09
CA VAL A 295 9.39 -10.73 -8.50
C VAL A 295 8.71 -12.08 -8.66
N VAL A 296 7.57 -12.08 -9.33
CA VAL A 296 6.77 -13.29 -9.56
C VAL A 296 6.64 -13.56 -11.04
N ASN A 297 7.21 -14.68 -11.49
CA ASN A 297 7.15 -15.09 -12.89
C ASN A 297 6.43 -16.42 -13.08
N ASN A 298 5.73 -16.54 -14.19
CA ASN A 298 5.24 -17.85 -14.64
C ASN A 298 5.37 -17.91 -16.15
N SER A 299 4.88 -18.99 -16.76
CA SER A 299 5.03 -19.18 -18.19
C SER A 299 4.33 -18.09 -18.99
N VAL A 300 3.22 -17.59 -18.47
CA VAL A 300 2.40 -16.61 -19.18
C VAL A 300 2.91 -15.17 -19.05
N GLY A 301 3.66 -14.90 -17.98
CA GLY A 301 4.14 -13.55 -17.74
C GLY A 301 4.72 -13.33 -16.36
N GLY A 302 4.87 -12.07 -15.99
CA GLY A 302 5.49 -11.71 -14.72
C GLY A 302 5.07 -10.35 -14.18
N GLU A 303 5.27 -10.18 -12.89
CA GLU A 303 4.95 -8.93 -12.19
C GLU A 303 5.98 -8.68 -11.10
N SER A 304 6.07 -7.44 -10.64
CA SER A 304 6.96 -7.08 -9.55
C SER A 304 6.33 -6.06 -8.61
N VAL A 305 6.38 -6.36 -7.31
CA VAL A 305 5.92 -5.43 -6.28
C VAL A 305 7.11 -5.09 -5.38
N GLU A 306 7.10 -3.88 -4.86
CA GLU A 306 8.22 -3.31 -4.14
C GLU A 306 7.87 -3.10 -2.67
N THR A 307 8.87 -3.16 -1.80
CA THR A 307 8.66 -2.95 -0.37
C THR A 307 9.82 -2.20 0.26
N VAL A 308 9.49 -1.21 1.07
CA VAL A 308 10.48 -0.39 1.78
C VAL A 308 10.50 -0.78 3.25
N LEU A 309 11.60 -1.38 3.70
CA LEU A 309 11.72 -1.85 5.07
C LEU A 309 12.59 -0.92 5.88
N THR A 310 12.11 -0.59 7.08
CA THR A 310 12.85 0.21 8.04
C THR A 310 12.93 -0.52 9.38
N VAL A 311 14.14 -0.89 9.77
CA VAL A 311 14.36 -1.64 11.00
C VAL A 311 14.85 -0.73 12.12
N THR A 312 14.01 -0.53 13.13
CA THR A 312 14.36 0.31 14.27
C THR A 312 15.26 -0.42 15.26
N ALA A 313 16.01 0.36 16.03
CA ALA A 313 16.83 -0.18 17.12
C ALA A 313 16.63 0.66 18.38
N PRO A 314 16.71 0.02 19.56
CA PRO A 314 16.47 0.76 20.81
C PRO A 314 17.47 1.89 21.05
N LEU A 315 16.97 3.02 21.57
CA LEU A 315 17.84 4.14 21.89
C LEU A 315 18.59 3.91 23.20
N SER A 316 19.88 4.21 23.17
CA SER A 316 20.72 4.12 24.36
C SER A 316 21.65 5.33 24.41
N ALA A 317 22.06 5.72 25.60
CA ALA A 317 22.94 6.87 25.78
C ALA A 317 23.98 6.59 26.87
N LYS A 318 25.19 7.08 26.61
CA LYS A 318 26.29 6.98 27.57
C LYS A 318 27.13 8.26 27.46
N ILE A 319 27.49 8.82 28.61
CA ILE A 319 28.31 10.04 28.63
C ILE A 319 29.72 9.74 29.12
N ASP A 320 30.69 10.11 28.29
CA ASP A 320 32.11 10.00 28.63
C ASP A 320 32.68 11.41 28.84
N PRO A 321 33.26 11.68 30.01
CA PRO A 321 33.43 10.84 31.21
C PRO A 321 32.17 10.76 32.07
N PRO A 322 32.00 9.66 32.82
CA PRO A 322 30.90 9.60 33.79
C PRO A 322 31.11 10.62 34.90
N THR A 323 32.37 10.85 35.23
CA THR A 323 32.76 11.80 36.26
C THR A 323 34.08 12.46 35.89
N GLN A 324 34.18 13.76 36.14
CA GLN A 324 35.44 14.48 35.95
C GLN A 324 35.49 15.66 36.90
N THR A 325 36.71 16.02 37.31
CA THR A 325 36.93 17.17 38.16
C THR A 325 37.81 18.17 37.44
N VAL A 326 37.29 19.38 37.25
CA VAL A 326 38.01 20.44 36.57
C VAL A 326 38.22 21.62 37.50
N ASP A 327 39.21 22.43 37.17
CA ASP A 327 39.54 23.62 37.95
C ASP A 327 38.85 24.84 37.36
N PHE A 328 38.49 25.79 38.23
CA PHE A 328 37.82 27.01 37.80
C PHE A 328 38.57 27.66 36.65
N GLY A 329 37.83 28.04 35.61
CA GLY A 329 38.40 28.72 34.46
C GLY A 329 38.88 27.79 33.35
N ARG A 330 39.13 26.53 33.69
CA ARG A 330 39.58 25.55 32.70
C ARG A 330 38.39 24.95 31.96
N PRO A 331 38.65 24.33 30.79
CA PRO A 331 37.55 23.73 30.03
C PRO A 331 37.02 22.43 30.64
N ALA A 332 35.74 22.16 30.40
CA ALA A 332 35.10 20.92 30.80
C ALA A 332 34.25 20.40 29.64
N VAL A 333 34.41 19.12 29.30
CA VAL A 333 33.82 18.58 28.09
C VAL A 333 33.01 17.32 28.35
N PHE A 334 31.87 17.21 27.67
CA PHE A 334 31.00 16.05 27.76
C PHE A 334 30.70 15.51 26.37
N THR A 335 30.93 14.21 26.19
CA THR A 335 30.68 13.54 24.92
C THR A 335 29.56 12.51 25.10
N CYS A 336 28.49 12.67 24.34
CA CYS A 336 27.35 11.76 24.42
C CYS A 336 27.46 10.66 23.39
N GLN A 337 27.68 9.44 23.85
CA GLN A 337 27.74 8.27 22.98
C GLN A 337 26.38 7.61 22.93
N TYR A 338 25.72 7.69 21.78
CA TYR A 338 24.37 7.16 21.64
C TYR A 338 24.24 6.17 20.49
N THR A 339 23.24 5.31 20.60
CA THR A 339 22.96 4.27 19.62
C THR A 339 21.46 4.17 19.40
N GLY A 340 21.05 3.42 18.38
CA GLY A 340 19.65 3.24 18.07
C GLY A 340 19.26 3.99 16.81
N ASN A 341 18.20 3.52 16.17
CA ASN A 341 17.72 4.12 14.92
C ASN A 341 16.20 4.19 14.88
N PRO A 342 15.64 5.30 14.37
CA PRO A 342 16.30 6.54 13.90
C PRO A 342 16.69 7.43 15.07
N ILE A 343 17.28 8.59 14.78
CA ILE A 343 17.52 9.62 15.80
C ILE A 343 16.99 10.96 15.31
N LYS A 344 15.94 11.47 15.95
CA LYS A 344 15.39 12.77 15.58
C LYS A 344 16.17 13.94 16.17
N THR A 345 16.47 13.88 17.47
CA THR A 345 17.09 15.00 18.16
C THR A 345 18.05 14.57 19.27
N VAL A 346 19.04 15.42 19.51
CA VAL A 346 19.90 15.33 20.68
C VAL A 346 19.75 16.62 21.46
N SER A 347 19.75 16.52 22.79
CA SER A 347 19.60 17.70 23.63
C SER A 347 20.28 17.49 24.97
N TRP A 348 20.70 18.59 25.60
CA TRP A 348 21.39 18.54 26.88
C TRP A 348 20.59 19.22 27.98
N MET A 349 20.78 18.74 29.21
CA MET A 349 20.20 19.38 30.39
C MET A 349 21.26 19.50 31.49
N LYS A 350 21.09 20.49 32.35
CA LYS A 350 21.94 20.64 33.53
C LYS A 350 21.08 20.83 34.76
N ASP A 351 21.15 19.86 35.66
CA ASP A 351 20.36 19.86 36.89
C ASP A 351 18.86 20.06 36.60
N GLY A 352 18.41 19.54 35.45
CA GLY A 352 17.00 19.49 35.13
C GLY A 352 16.49 20.63 34.27
N LYS A 353 17.39 21.37 33.63
CA LYS A 353 17.02 22.49 32.79
C LYS A 353 17.68 22.44 31.42
N ALA A 354 16.90 22.68 30.37
CA ALA A 354 17.39 22.63 29.00
C ALA A 354 18.50 23.67 28.78
N ILE A 355 19.64 23.20 28.28
CA ILE A 355 20.82 24.05 28.13
C ILE A 355 20.86 24.71 26.75
N GLY A 356 20.00 24.26 25.84
CA GLY A 356 19.90 24.86 24.52
C GLY A 356 21.05 24.51 23.60
N HIS A 357 21.55 23.29 23.71
CA HIS A 357 22.62 22.80 22.85
C HIS A 357 22.25 21.43 22.29
N SER A 358 22.15 21.35 20.95
CA SER A 358 21.67 20.14 20.28
C SER A 358 22.78 19.23 19.77
N GLU A 359 24.03 19.61 19.96
CA GLU A 359 25.16 18.86 19.41
C GLU A 359 25.59 17.74 20.38
N PRO A 360 26.02 16.57 19.85
CA PRO A 360 26.39 15.45 20.71
C PRO A 360 27.52 15.74 21.70
N VAL A 361 28.28 16.80 21.47
CA VAL A 361 29.38 17.17 22.37
C VAL A 361 29.08 18.52 23.03
N LEU A 362 29.14 18.53 24.35
CA LEU A 362 28.90 19.73 25.14
C LEU A 362 30.20 20.18 25.81
N ARG A 363 30.60 21.41 25.54
CA ARG A 363 31.86 21.94 26.06
C ARG A 363 31.69 23.30 26.74
N ILE A 364 32.06 23.35 28.02
CA ILE A 364 32.13 24.60 28.76
C ILE A 364 33.58 25.05 28.82
N GLU A 365 33.89 26.17 28.17
CA GLU A 365 35.28 26.61 28.06
C GLU A 365 35.82 27.19 29.36
N SER A 366 35.06 28.09 29.98
CA SER A 366 35.41 28.64 31.28
C SER A 366 34.39 28.20 32.32
N VAL A 367 34.82 27.34 33.24
CA VAL A 367 33.94 26.80 34.26
C VAL A 367 33.82 27.75 35.44
N LYS A 368 32.60 27.89 35.94
CA LYS A 368 32.32 28.75 37.08
C LYS A 368 31.83 27.94 38.27
N LYS A 369 31.48 28.63 39.34
CA LYS A 369 30.89 28.00 40.52
C LYS A 369 29.50 27.46 40.19
N GLU A 370 28.86 28.08 39.22
CA GLU A 370 27.49 27.75 38.85
C GLU A 370 27.42 26.43 38.08
N ASP A 371 28.43 26.18 37.25
CA ASP A 371 28.40 25.06 36.32
C ASP A 371 28.49 23.70 37.00
N LYS A 372 28.88 23.69 38.27
CA LYS A 372 28.95 22.45 39.03
C LYS A 372 27.58 21.81 39.15
N GLY A 373 27.53 20.50 38.95
CA GLY A 373 26.29 19.77 39.08
C GLY A 373 26.22 18.54 38.18
N MET A 374 24.99 18.10 37.92
CA MET A 374 24.76 16.95 37.06
C MET A 374 24.38 17.41 35.66
N TYR A 375 24.92 16.72 34.66
CA TYR A 375 24.62 16.99 33.27
C TYR A 375 23.99 15.76 32.63
N GLN A 376 23.13 16.00 31.64
CA GLN A 376 22.42 14.91 30.98
C GLN A 376 22.35 15.10 29.47
N CYS A 377 22.46 13.98 28.76
CA CYS A 377 22.27 13.93 27.32
C CYS A 377 20.97 13.19 27.01
N PHE A 378 20.13 13.79 26.17
CA PHE A 378 18.85 13.21 25.79
C PHE A 378 18.76 12.96 24.28
N VAL A 379 18.56 11.70 23.91
CA VAL A 379 18.25 11.34 22.53
C VAL A 379 16.80 10.90 22.46
N ARG A 380 16.12 11.24 21.36
CA ARG A 380 14.69 10.97 21.23
C ARG A 380 14.26 10.54 19.84
N ASN A 381 13.21 9.73 19.81
CA ASN A 381 12.44 9.49 18.60
C ASN A 381 11.05 10.08 18.79
N ASP A 382 10.19 9.88 17.80
CA ASP A 382 8.78 10.15 17.99
C ASP A 382 8.23 9.09 18.94
N GLN A 383 8.79 7.89 18.85
CA GLN A 383 8.32 6.75 19.63
C GLN A 383 9.05 6.54 20.95
N GLU A 384 10.19 7.23 21.14
CA GLU A 384 11.14 6.80 22.17
C GLU A 384 12.03 7.92 22.71
N SER A 385 12.64 7.65 23.86
CA SER A 385 13.60 8.56 24.48
C SER A 385 14.63 7.79 25.30
N ALA A 386 15.84 8.33 25.41
CA ALA A 386 16.88 7.73 26.24
C ALA A 386 17.74 8.81 26.88
N GLU A 387 18.34 8.48 28.03
CA GLU A 387 19.06 9.46 28.84
C GLU A 387 20.33 8.86 29.46
N ALA A 388 21.35 9.70 29.58
CA ALA A 388 22.58 9.37 30.28
C ALA A 388 22.97 10.54 31.18
N SER A 389 23.54 10.24 32.34
CA SER A 389 23.94 11.27 33.30
C SER A 389 25.44 11.27 33.53
N ALA A 390 25.97 12.46 33.83
CA ALA A 390 27.37 12.63 34.18
C ALA A 390 27.48 13.76 35.19
N GLU A 391 28.54 13.72 36.01
CA GLU A 391 28.72 14.72 37.06
C GLU A 391 30.00 15.52 36.87
N LEU A 392 29.94 16.80 37.24
CA LEU A 392 31.07 17.71 37.14
C LEU A 392 31.41 18.29 38.51
N LYS A 393 32.64 18.07 38.95
CA LYS A 393 33.10 18.54 40.25
C LYS A 393 34.13 19.66 40.11
N LEU A 394 34.18 20.53 41.11
CA LEU A 394 35.06 21.70 41.10
C LEU A 394 36.29 21.50 41.96
N GLY A 395 37.40 22.09 41.51
CA GLY A 395 38.66 22.04 42.25
C GLY A 395 39.49 20.83 41.89
N ALA B 3 -6.44 2.49 -62.66
CA ALA B 3 -6.95 3.72 -62.09
C ALA B 3 -7.74 3.44 -60.82
N ASP B 4 -7.70 4.39 -59.88
CA ASP B 4 -8.35 4.25 -58.58
C ASP B 4 -7.81 3.04 -57.81
N GLN B 5 -6.62 2.60 -58.15
CA GLN B 5 -6.05 1.42 -57.51
C GLN B 5 -5.22 1.81 -56.29
N LYS B 6 -5.57 1.24 -55.15
CA LYS B 6 -4.99 1.62 -53.87
C LYS B 6 -4.82 0.41 -52.95
N GLY B 7 -3.75 0.44 -52.15
CA GLY B 7 -3.52 -0.60 -51.16
C GLY B 7 -4.53 -0.55 -50.04
N PRO B 8 -4.47 -1.52 -49.11
CA PRO B 8 -5.44 -1.63 -48.02
C PRO B 8 -5.28 -0.56 -46.94
N VAL B 9 -6.42 -0.10 -46.42
CA VAL B 9 -6.46 0.79 -45.26
C VAL B 9 -7.65 0.38 -44.40
N PHE B 10 -7.42 0.24 -43.09
CA PHE B 10 -8.46 -0.24 -42.20
C PHE B 10 -9.55 0.78 -41.97
N LEU B 11 -10.79 0.41 -42.30
CA LEU B 11 -11.95 1.24 -41.96
C LEU B 11 -12.42 0.99 -40.54
N LYS B 12 -12.47 -0.28 -40.15
CA LYS B 12 -12.83 -0.66 -38.79
C LYS B 12 -11.80 -1.62 -38.21
N GLU B 13 -11.10 -1.14 -37.18
CA GLU B 13 -10.06 -1.93 -36.53
C GLU B 13 -10.55 -2.41 -35.17
N PRO B 14 -10.57 -3.74 -34.94
CA PRO B 14 -11.06 -4.26 -33.65
C PRO B 14 -10.28 -3.72 -32.46
N THR B 15 -10.97 -3.55 -31.33
CA THR B 15 -10.36 -2.93 -30.16
C THR B 15 -9.29 -3.82 -29.53
N ASN B 16 -8.41 -3.20 -28.74
CA ASN B 16 -7.30 -3.92 -28.12
C ASN B 16 -7.73 -5.01 -27.16
N ARG B 17 -8.87 -4.80 -26.50
CA ARG B 17 -9.38 -5.74 -25.50
C ARG B 17 -10.80 -6.18 -25.83
N ILE B 18 -10.97 -7.49 -26.03
CA ILE B 18 -12.28 -8.09 -26.19
C ILE B 18 -12.56 -9.01 -25.01
N ASP B 19 -13.58 -8.66 -24.23
CA ASP B 19 -13.98 -9.46 -23.07
C ASP B 19 -15.45 -9.82 -23.17
N PHE B 20 -15.76 -11.12 -23.01
CA PHE B 20 -17.13 -11.59 -23.09
C PHE B 20 -17.34 -12.86 -22.28
N SER B 21 -18.57 -13.07 -21.81
CA SER B 21 -18.94 -14.24 -21.03
C SER B 21 -19.19 -15.45 -21.92
N ASN B 22 -19.03 -16.65 -21.35
CA ASN B 22 -19.26 -17.89 -22.09
C ASN B 22 -20.67 -17.99 -22.65
N SER B 23 -21.63 -17.37 -21.96
CA SER B 23 -23.03 -17.43 -22.37
C SER B 23 -23.35 -16.45 -23.50
N THR B 24 -22.75 -15.26 -23.44
CA THR B 24 -23.04 -14.22 -24.43
C THR B 24 -22.41 -14.52 -25.78
N GLY B 25 -21.13 -14.88 -25.76
CA GLY B 25 -20.37 -15.06 -26.98
C GLY B 25 -19.92 -13.71 -27.50
N ALA B 26 -19.30 -13.70 -28.68
CA ALA B 26 -18.82 -12.46 -29.27
C ALA B 26 -18.63 -12.60 -30.77
N GLU B 27 -18.57 -11.45 -31.45
CA GLU B 27 -18.18 -11.41 -32.85
C GLU B 27 -17.27 -10.20 -33.07
N ILE B 28 -16.13 -10.44 -33.71
CA ILE B 28 -15.16 -9.40 -33.99
C ILE B 28 -15.12 -9.14 -35.50
N GLU B 29 -15.35 -7.89 -35.89
CA GLU B 29 -15.41 -7.53 -37.30
C GLU B 29 -14.27 -6.59 -37.68
N CYS B 30 -13.58 -6.95 -38.76
CA CYS B 30 -12.48 -6.16 -39.31
C CYS B 30 -12.80 -5.81 -40.75
N LYS B 31 -12.69 -4.52 -41.08
CA LYS B 31 -12.98 -4.05 -42.43
C LYS B 31 -11.92 -3.09 -42.92
N ALA B 32 -11.56 -3.23 -44.19
CA ALA B 32 -10.54 -2.41 -44.82
C ALA B 32 -10.89 -2.16 -46.27
N SER B 33 -10.56 -0.97 -46.78
CA SER B 33 -10.86 -0.64 -48.15
C SER B 33 -9.74 -1.14 -49.07
N GLY B 34 -9.96 -1.02 -50.38
CA GLY B 34 -8.91 -1.26 -51.35
C GLY B 34 -9.46 -1.47 -52.75
N ASN B 35 -8.59 -1.31 -53.74
CA ASN B 35 -8.93 -1.50 -55.15
C ASN B 35 -7.82 -2.22 -55.92
N PRO B 36 -7.91 -3.54 -56.10
CA PRO B 36 -9.05 -4.45 -55.91
C PRO B 36 -9.42 -4.73 -54.46
N MET B 37 -10.62 -5.28 -54.28
CA MET B 37 -11.14 -5.59 -52.96
C MET B 37 -10.15 -6.43 -52.16
N PRO B 38 -9.74 -5.94 -50.98
CA PRO B 38 -8.77 -6.69 -50.17
C PRO B 38 -9.41 -7.89 -49.51
N GLU B 39 -8.62 -8.94 -49.30
CA GLU B 39 -9.09 -10.13 -48.59
C GLU B 39 -8.77 -9.99 -47.11
N ILE B 40 -9.77 -10.28 -46.26
CA ILE B 40 -9.59 -10.23 -44.82
C ILE B 40 -9.24 -11.60 -44.29
N ILE B 41 -8.12 -11.69 -43.58
CA ILE B 41 -7.65 -12.94 -43.00
C ILE B 41 -7.30 -12.73 -41.53
N TRP B 42 -7.91 -13.53 -40.66
CA TRP B 42 -7.61 -13.47 -39.24
C TRP B 42 -6.36 -14.29 -38.94
N ILE B 43 -5.49 -13.74 -38.10
CA ILE B 43 -4.23 -14.37 -37.76
C ILE B 43 -3.91 -14.20 -36.27
N ARG B 44 -2.92 -14.94 -35.80
CA ARG B 44 -2.39 -14.75 -34.46
C ARG B 44 -1.31 -13.68 -34.50
N SER B 45 -0.72 -13.39 -33.34
CA SER B 45 0.33 -12.37 -33.25
C SER B 45 1.59 -12.80 -33.99
N ASP B 46 1.77 -14.11 -34.16
CA ASP B 46 2.98 -14.64 -34.80
C ASP B 46 2.86 -14.61 -36.32
N GLY B 47 1.66 -14.35 -36.83
CA GLY B 47 1.42 -14.24 -38.25
C GLY B 47 0.73 -15.43 -38.87
N THR B 48 0.48 -16.47 -38.06
CA THR B 48 -0.14 -17.68 -38.56
C THR B 48 -1.66 -17.53 -38.69
N ALA B 49 -2.22 -18.04 -39.77
CA ALA B 49 -3.65 -17.95 -40.03
C ALA B 49 -4.42 -18.89 -39.12
N VAL B 50 -5.67 -18.53 -38.83
CA VAL B 50 -6.53 -19.32 -37.97
C VAL B 50 -7.75 -19.82 -38.75
N GLY B 51 -8.10 -21.08 -38.53
CA GLY B 51 -9.25 -21.70 -39.17
C GLY B 51 -10.40 -21.88 -38.20
N ASP B 52 -11.41 -22.63 -38.63
CA ASP B 52 -12.60 -22.87 -37.82
C ASP B 52 -12.39 -24.00 -36.81
N VAL B 53 -12.75 -23.72 -35.56
CA VAL B 53 -12.83 -24.73 -34.52
C VAL B 53 -14.31 -24.93 -34.19
N PRO B 54 -14.88 -26.10 -34.53
CA PRO B 54 -16.33 -26.28 -34.43
C PRO B 54 -16.93 -25.89 -33.08
N GLY B 55 -17.99 -25.09 -33.13
CA GLY B 55 -18.72 -24.70 -31.93
C GLY B 55 -18.01 -23.68 -31.04
N LEU B 56 -16.76 -23.35 -31.39
CA LEU B 56 -15.93 -22.49 -30.56
C LEU B 56 -15.47 -21.24 -31.30
N ARG B 57 -14.73 -21.43 -32.39
CA ARG B 57 -14.23 -20.32 -33.20
C ARG B 57 -14.62 -20.54 -34.65
N GLN B 58 -15.24 -19.53 -35.26
CA GLN B 58 -15.73 -19.63 -36.62
C GLN B 58 -15.46 -18.36 -37.42
N ILE B 59 -14.94 -18.54 -38.63
CA ILE B 59 -14.71 -17.43 -39.55
C ILE B 59 -15.91 -17.28 -40.48
N SER B 60 -16.60 -16.15 -40.36
CA SER B 60 -17.68 -15.82 -41.27
C SER B 60 -17.08 -15.25 -42.55
N SER B 61 -17.59 -15.67 -43.69
CA SER B 61 -16.98 -15.33 -44.97
C SER B 61 -17.04 -13.84 -45.28
N ASP B 62 -17.84 -13.10 -44.51
CA ASP B 62 -17.95 -11.65 -44.70
C ASP B 62 -16.92 -10.91 -43.85
N GLY B 63 -16.05 -11.67 -43.18
CA GLY B 63 -14.92 -11.11 -42.46
C GLY B 63 -15.09 -11.02 -40.95
N LYS B 64 -16.13 -11.67 -40.42
CA LYS B 64 -16.35 -11.66 -38.98
C LYS B 64 -15.70 -12.87 -38.31
N LEU B 65 -14.96 -12.61 -37.25
CA LEU B 65 -14.42 -13.66 -36.39
C LEU B 65 -15.39 -13.89 -35.25
N VAL B 66 -16.03 -15.06 -35.24
CA VAL B 66 -17.13 -15.34 -34.33
C VAL B 66 -16.78 -16.40 -33.31
N PHE B 67 -17.11 -16.12 -32.05
CA PHE B 67 -16.92 -17.05 -30.95
C PHE B 67 -18.27 -17.38 -30.31
N PRO B 68 -19.02 -18.33 -30.88
CA PRO B 68 -20.35 -18.63 -30.34
C PRO B 68 -20.30 -19.13 -28.90
N PRO B 69 -21.43 -19.04 -28.18
CA PRO B 69 -21.48 -19.46 -26.77
C PRO B 69 -21.04 -20.90 -26.56
N PHE B 70 -20.48 -21.19 -25.39
CA PHE B 70 -19.92 -22.52 -25.12
C PHE B 70 -20.02 -22.89 -23.64
N ARG B 71 -20.00 -24.19 -23.36
CA ARG B 71 -20.00 -24.67 -21.99
C ARG B 71 -18.62 -24.48 -21.38
N ALA B 72 -18.57 -24.34 -20.05
CA ALA B 72 -17.30 -24.12 -19.35
C ALA B 72 -16.30 -25.24 -19.62
N GLU B 73 -16.81 -26.41 -19.96
CA GLU B 73 -15.97 -27.57 -20.21
C GLU B 73 -15.20 -27.44 -21.52
N ASP B 74 -15.68 -26.55 -22.40
CA ASP B 74 -15.11 -26.42 -23.74
C ASP B 74 -14.05 -25.32 -23.86
N TYR B 75 -13.69 -24.70 -22.73
CA TYR B 75 -12.72 -23.62 -22.75
C TYR B 75 -11.36 -24.07 -23.27
N ARG B 76 -10.86 -23.36 -24.27
CA ARG B 76 -9.55 -23.64 -24.86
C ARG B 76 -8.64 -22.42 -24.76
N GLN B 77 -7.45 -22.62 -24.19
CA GLN B 77 -6.48 -21.55 -24.04
C GLN B 77 -5.98 -21.05 -25.40
N GLU B 78 -6.00 -21.94 -26.39
CA GLU B 78 -5.46 -21.62 -27.71
C GLU B 78 -6.45 -20.78 -28.52
N VAL B 79 -7.69 -20.74 -28.04
CA VAL B 79 -8.76 -20.03 -28.72
C VAL B 79 -9.18 -18.81 -27.93
N HIS B 80 -9.67 -19.06 -26.73
CA HIS B 80 -10.34 -18.04 -25.92
C HIS B 80 -9.37 -17.06 -25.24
N ALA B 81 -8.16 -17.52 -24.93
CA ALA B 81 -7.16 -16.67 -24.30
C ALA B 81 -6.18 -16.08 -25.32
N GLN B 82 -6.42 -16.33 -26.60
CA GLN B 82 -5.46 -16.02 -27.65
C GLN B 82 -5.44 -14.54 -28.03
N VAL B 83 -4.27 -14.08 -28.47
CA VAL B 83 -4.09 -12.73 -29.01
C VAL B 83 -4.21 -12.80 -30.54
N TYR B 84 -5.24 -12.17 -31.08
CA TYR B 84 -5.48 -12.20 -32.52
C TYR B 84 -5.03 -10.93 -33.22
N ALA B 85 -5.17 -10.92 -34.54
CA ALA B 85 -4.92 -9.75 -35.36
C ALA B 85 -5.66 -9.91 -36.70
N CYS B 86 -5.88 -8.79 -37.38
CA CYS B 86 -6.57 -8.80 -38.66
C CYS B 86 -5.60 -8.50 -39.80
N LEU B 87 -5.63 -9.34 -40.83
CA LEU B 87 -4.74 -9.19 -41.99
C LEU B 87 -5.55 -8.79 -43.21
N ALA B 88 -5.22 -7.63 -43.77
CA ALA B 88 -5.84 -7.13 -44.99
C ALA B 88 -4.79 -7.06 -46.09
N ARG B 89 -4.95 -7.91 -47.10
CA ARG B 89 -3.94 -8.05 -48.15
C ARG B 89 -4.47 -7.74 -49.53
N ASN B 90 -3.59 -7.20 -50.37
CA ASN B 90 -3.89 -6.93 -51.76
C ASN B 90 -2.64 -7.19 -52.61
N GLN B 91 -2.74 -6.95 -53.91
CA GLN B 91 -1.62 -7.17 -54.81
C GLN B 91 -0.49 -6.19 -54.53
N PHE B 92 -0.87 -5.00 -54.06
CA PHE B 92 0.10 -3.95 -53.77
C PHE B 92 0.82 -4.18 -52.45
N GLY B 93 0.18 -4.92 -51.55
CA GLY B 93 0.76 -5.23 -50.26
C GLY B 93 -0.28 -5.68 -49.25
N SER B 94 0.12 -5.76 -48.00
CA SER B 94 -0.77 -6.19 -46.92
C SER B 94 -0.50 -5.39 -45.66
N ILE B 95 -1.54 -5.25 -44.84
CA ILE B 95 -1.43 -4.55 -43.56
C ILE B 95 -1.99 -5.42 -42.45
N ILE B 96 -1.36 -5.34 -41.27
CA ILE B 96 -1.82 -6.06 -40.10
C ILE B 96 -2.35 -5.06 -39.08
N SER B 97 -3.46 -5.42 -38.43
CA SER B 97 -4.12 -4.54 -37.49
C SER B 97 -3.39 -4.50 -36.15
N ARG B 98 -3.96 -3.75 -35.22
CA ARG B 98 -3.47 -3.70 -33.85
C ARG B 98 -3.69 -5.05 -33.17
N ASP B 99 -2.90 -5.32 -32.13
CA ASP B 99 -3.08 -6.56 -31.37
C ASP B 99 -4.45 -6.60 -30.73
N VAL B 100 -5.19 -7.68 -31.00
CA VAL B 100 -6.52 -7.86 -30.44
C VAL B 100 -6.46 -8.94 -29.38
N HIS B 101 -6.63 -8.56 -28.13
CA HIS B 101 -6.58 -9.52 -27.04
C HIS B 101 -7.97 -10.04 -26.76
N VAL B 102 -8.18 -11.30 -27.09
CA VAL B 102 -9.45 -11.98 -26.85
C VAL B 102 -9.38 -12.69 -25.53
N ARG B 103 -10.33 -12.37 -24.65
CA ARG B 103 -10.41 -13.01 -23.34
C ARG B 103 -11.86 -13.41 -23.10
N ALA B 104 -12.09 -14.72 -23.04
CA ALA B 104 -13.42 -15.24 -22.73
C ALA B 104 -13.43 -15.67 -21.27
N VAL B 105 -14.55 -15.42 -20.61
CA VAL B 105 -14.64 -15.62 -19.18
C VAL B 105 -15.82 -16.51 -18.82
N VAL B 106 -15.53 -17.59 -18.10
CA VAL B 106 -16.58 -18.42 -17.54
C VAL B 106 -17.16 -17.71 -16.33
N ILE B 107 -18.48 -17.55 -16.32
CA ILE B 107 -19.14 -16.77 -15.27
C ILE B 107 -19.12 -17.51 -13.93
N GLN B 108 -18.59 -16.84 -12.92
CA GLN B 108 -18.47 -17.38 -11.58
C GLN B 108 -19.37 -16.64 -10.61
N SER B 109 -20.08 -17.38 -9.78
CA SER B 109 -20.93 -16.77 -8.76
C SER B 109 -20.07 -16.04 -7.74
N TYR B 110 -20.55 -14.90 -7.26
CA TYR B 110 -19.76 -14.05 -6.38
C TYR B 110 -20.64 -13.32 -5.35
N GLU B 111 -20.01 -12.86 -4.28
CA GLU B 111 -20.68 -12.04 -3.28
C GLU B 111 -19.77 -10.91 -2.81
N SER B 112 -20.29 -9.69 -2.86
CA SER B 112 -19.54 -8.52 -2.42
C SER B 112 -19.89 -8.18 -0.98
N GLU B 113 -18.88 -7.78 -0.20
CA GLU B 113 -19.08 -7.46 1.21
C GLU B 113 -19.10 -5.95 1.44
N ALA B 114 -20.16 -5.48 2.10
CA ALA B 114 -20.21 -4.09 2.56
C ALA B 114 -19.72 -4.04 4.01
N ASP B 115 -18.57 -3.42 4.21
CA ASP B 115 -17.90 -3.45 5.52
C ASP B 115 -18.50 -2.47 6.52
N ASN B 116 -18.54 -2.90 7.78
CA ASN B 116 -18.80 -2.00 8.88
C ASN B 116 -17.51 -1.29 9.26
N GLU B 117 -17.58 0.01 9.53
CA GLU B 117 -16.37 0.81 9.76
C GLU B 117 -16.48 1.60 11.06
N TYR B 118 -15.43 1.51 11.87
CA TYR B 118 -15.36 2.22 13.14
C TYR B 118 -14.80 3.62 12.93
N VAL B 119 -15.50 4.63 13.45
CA VAL B 119 -15.10 6.02 13.24
C VAL B 119 -15.22 6.85 14.51
N ILE B 120 -14.25 7.74 14.72
CA ILE B 120 -14.33 8.71 15.81
C ILE B 120 -15.25 9.85 15.38
N ARG B 121 -16.09 10.31 16.30
CA ARG B 121 -17.05 11.37 16.00
C ARG B 121 -16.38 12.62 15.46
N GLY B 122 -16.97 13.18 14.40
CA GLY B 122 -16.58 14.50 13.90
C GLY B 122 -15.74 14.53 12.64
N ASN B 123 -15.03 13.45 12.32
CA ASN B 123 -14.21 13.42 11.10
C ASN B 123 -14.89 12.64 9.98
N SER B 124 -14.27 12.65 8.81
CA SER B 124 -14.84 12.01 7.63
C SER B 124 -14.55 10.51 7.59
N VAL B 125 -15.41 9.77 6.89
CA VAL B 125 -15.23 8.34 6.70
C VAL B 125 -15.53 7.93 5.27
N VAL B 126 -14.79 6.93 4.79
CA VAL B 126 -15.03 6.32 3.48
C VAL B 126 -15.33 4.84 3.68
N MET B 127 -16.43 4.39 3.09
CA MET B 127 -16.88 3.01 3.25
C MET B 127 -16.45 2.14 2.07
N LYS B 128 -15.78 1.04 2.36
CA LYS B 128 -15.30 0.12 1.34
C LYS B 128 -16.36 -0.89 0.94
N CYS B 129 -16.39 -1.22 -0.35
CA CYS B 129 -17.18 -2.35 -0.85
C CYS B 129 -16.22 -3.41 -1.37
N GLU B 130 -16.11 -4.51 -0.64
CA GLU B 130 -15.15 -5.56 -0.99
C GLU B 130 -15.67 -6.42 -2.13
N ILE B 131 -14.92 -6.43 -3.23
CA ILE B 131 -15.28 -7.22 -4.40
C ILE B 131 -14.30 -8.38 -4.53
N PRO B 132 -14.81 -9.62 -4.66
CA PRO B 132 -13.89 -10.76 -4.80
C PRO B 132 -12.88 -10.54 -5.92
N SER B 133 -11.61 -10.79 -5.62
CA SER B 133 -10.51 -10.42 -6.51
C SER B 133 -10.62 -11.04 -7.89
N TYR B 134 -11.31 -12.17 -8.00
CA TYR B 134 -11.38 -12.87 -9.28
C TYR B 134 -12.40 -12.23 -10.23
N VAL B 135 -13.41 -11.56 -9.68
CA VAL B 135 -14.35 -10.78 -10.49
C VAL B 135 -14.00 -9.30 -10.51
N ALA B 136 -12.90 -8.93 -9.86
CA ALA B 136 -12.52 -7.52 -9.70
C ALA B 136 -12.47 -6.77 -11.02
N ASP B 137 -12.09 -7.47 -12.09
CA ASP B 137 -12.01 -6.86 -13.40
C ASP B 137 -13.40 -6.45 -13.91
N PHE B 138 -14.34 -7.37 -13.80
CA PHE B 138 -15.63 -7.25 -14.47
C PHE B 138 -16.77 -6.71 -13.60
N VAL B 139 -16.49 -6.44 -12.33
CA VAL B 139 -17.52 -5.97 -11.40
C VAL B 139 -17.14 -4.65 -10.75
N PHE B 140 -18.09 -3.72 -10.75
CA PHE B 140 -17.91 -2.40 -10.16
C PHE B 140 -19.13 -2.02 -9.35
N VAL B 141 -19.01 -0.99 -8.52
CA VAL B 141 -20.11 -0.56 -7.68
C VAL B 141 -21.10 0.28 -8.49
N ASP B 142 -22.33 -0.21 -8.62
CA ASP B 142 -23.36 0.47 -9.39
C ASP B 142 -24.00 1.59 -8.60
N LEU B 143 -24.42 1.30 -7.38
CA LEU B 143 -25.02 2.29 -6.49
C LEU B 143 -24.97 1.82 -5.04
N TRP B 144 -25.15 2.75 -4.11
CA TRP B 144 -25.30 2.42 -2.69
C TRP B 144 -26.74 2.57 -2.28
N LEU B 145 -27.17 1.72 -1.35
CA LEU B 145 -28.53 1.75 -0.81
C LEU B 145 -28.49 1.59 0.70
N ASP B 146 -29.38 2.29 1.39
CA ASP B 146 -29.40 2.28 2.85
C ASP B 146 -30.74 1.80 3.38
N SER B 147 -30.76 1.44 4.66
CA SER B 147 -31.94 0.86 5.30
C SER B 147 -33.20 1.73 5.15
N GLU B 148 -33.00 3.04 5.00
CA GLU B 148 -34.12 3.96 4.89
C GLU B 148 -34.61 4.07 3.45
N GLY B 149 -33.89 3.45 2.52
CA GLY B 149 -34.32 3.38 1.13
C GLY B 149 -33.76 4.48 0.25
N ARG B 150 -32.81 5.24 0.78
CA ARG B 150 -32.18 6.30 0.01
C ARG B 150 -31.13 5.73 -0.95
N ASN B 151 -31.25 6.07 -2.23
CA ASN B 151 -30.31 5.64 -3.25
C ASN B 151 -29.24 6.68 -3.54
N TYR B 152 -27.99 6.27 -3.40
CA TYR B 152 -26.85 7.12 -3.73
C TYR B 152 -26.18 6.57 -4.98
N TYR B 153 -25.97 7.44 -5.97
CA TYR B 153 -25.41 7.04 -7.26
C TYR B 153 -24.03 7.65 -7.45
N PRO B 154 -23.17 6.97 -8.23
CA PRO B 154 -21.81 7.47 -8.45
C PRO B 154 -21.81 8.84 -9.11
N ASN B 155 -21.06 9.76 -8.52
CA ASN B 155 -20.99 11.13 -9.01
C ASN B 155 -19.68 11.40 -9.73
N ASN B 156 -19.76 12.17 -10.80
CA ASN B 156 -18.58 12.67 -11.51
C ASN B 156 -17.77 13.66 -10.66
N ALA B 157 -18.29 13.97 -9.48
CA ALA B 157 -17.71 14.95 -8.56
C ALA B 157 -17.79 16.36 -9.14
N ALA B 158 -18.95 16.70 -9.70
CA ALA B 158 -19.22 18.07 -10.11
C ALA B 158 -19.35 18.94 -8.85
N GLU B 159 -20.21 18.51 -7.95
CA GLU B 159 -20.38 19.19 -6.66
C GLU B 159 -20.07 18.24 -5.52
N THR B 160 -18.99 18.53 -4.80
CA THR B 160 -18.50 17.68 -3.74
C THR B 160 -19.07 18.04 -2.37
N ASP B 161 -19.73 19.18 -2.28
CA ASP B 161 -20.37 19.60 -1.04
C ASP B 161 -21.57 18.70 -0.76
N GLY B 162 -21.99 18.66 0.50
CA GLY B 162 -23.06 17.78 0.92
C GLY B 162 -22.55 16.63 1.77
N LYS B 163 -23.45 16.01 2.52
CA LYS B 163 -23.09 14.94 3.45
C LYS B 163 -22.51 13.74 2.74
N TYR B 164 -23.26 13.20 1.77
CA TYR B 164 -22.88 11.97 1.09
C TYR B 164 -22.39 12.22 -0.33
N LEU B 165 -21.22 11.68 -0.63
CA LEU B 165 -20.67 11.71 -1.99
C LEU B 165 -20.14 10.34 -2.37
N VAL B 166 -20.72 9.76 -3.41
CA VAL B 166 -20.22 8.50 -3.94
C VAL B 166 -19.02 8.81 -4.83
N LEU B 167 -17.88 8.25 -4.49
CA LEU B 167 -16.65 8.55 -5.20
C LEU B 167 -16.61 7.80 -6.53
N PRO B 168 -15.81 8.30 -7.50
CA PRO B 168 -15.62 7.62 -8.79
C PRO B 168 -15.24 6.16 -8.66
N SER B 169 -14.41 5.86 -7.67
CA SER B 169 -13.92 4.50 -7.44
C SER B 169 -15.01 3.59 -6.88
N GLY B 170 -16.13 4.17 -6.46
CA GLY B 170 -17.29 3.41 -6.04
C GLY B 170 -17.56 3.39 -4.54
N GLU B 171 -16.59 3.81 -3.74
CA GLU B 171 -16.78 3.85 -2.29
C GLU B 171 -17.58 5.07 -1.88
N LEU B 172 -18.24 4.98 -0.73
CA LEU B 172 -19.13 6.03 -0.25
C LEU B 172 -18.47 6.89 0.83
N HIS B 173 -18.30 8.17 0.50
CA HIS B 173 -17.67 9.12 1.43
C HIS B 173 -18.73 9.87 2.23
N ILE B 174 -18.46 10.10 3.51
CA ILE B 174 -19.38 10.80 4.39
C ILE B 174 -18.65 11.82 5.26
N ARG B 175 -19.09 13.09 5.17
CA ARG B 175 -18.50 14.17 5.94
C ARG B 175 -18.99 14.18 7.39
N GLU B 176 -18.11 14.54 8.31
CA GLU B 176 -18.48 14.85 9.70
C GLU B 176 -19.49 13.88 10.29
N VAL B 177 -19.10 12.62 10.44
CA VAL B 177 -20.02 11.60 10.90
C VAL B 177 -20.47 11.89 12.34
N GLY B 178 -21.78 11.93 12.52
CA GLY B 178 -22.37 12.03 13.84
C GLY B 178 -22.98 10.70 14.24
N PRO B 179 -23.49 10.61 15.48
CA PRO B 179 -24.15 9.39 15.92
C PRO B 179 -25.32 9.00 15.04
N GLU B 180 -26.07 10.00 14.58
CA GLU B 180 -27.27 9.76 13.78
C GLU B 180 -26.97 9.06 12.47
N ASP B 181 -25.71 9.16 12.03
CA ASP B 181 -25.30 8.53 10.77
C ASP B 181 -25.02 7.04 10.96
N GLY B 182 -24.98 6.60 12.21
CA GLY B 182 -24.76 5.20 12.54
C GLY B 182 -26.05 4.48 12.86
N TYR B 183 -27.16 5.21 12.86
CA TYR B 183 -28.47 4.61 13.14
C TYR B 183 -28.94 3.75 11.98
N LYS B 184 -28.30 3.93 10.83
CA LYS B 184 -28.69 3.25 9.61
C LYS B 184 -27.56 2.36 9.09
N SER B 185 -27.94 1.37 8.29
CA SER B 185 -26.98 0.44 7.70
C SER B 185 -27.00 0.56 6.19
N TYR B 186 -25.85 0.29 5.56
CA TYR B 186 -25.66 0.53 4.14
C TYR B 186 -25.40 -0.75 3.35
N GLN B 187 -25.90 -0.79 2.12
CA GLN B 187 -25.64 -1.90 1.20
C GLN B 187 -25.22 -1.36 -0.16
N CYS B 188 -24.15 -1.92 -0.72
CA CYS B 188 -23.69 -1.54 -2.05
C CYS B 188 -24.20 -2.51 -3.10
N ARG B 189 -24.63 -1.98 -4.24
CA ARG B 189 -25.05 -2.80 -5.37
C ARG B 189 -23.95 -2.84 -6.41
N THR B 190 -23.53 -4.04 -6.76
CA THR B 190 -22.51 -4.25 -7.77
C THR B 190 -23.13 -4.74 -9.07
N LYS B 191 -22.55 -4.32 -10.20
CA LYS B 191 -23.01 -4.76 -11.51
C LYS B 191 -21.88 -5.41 -12.29
N HIS B 192 -22.18 -6.57 -12.87
CA HIS B 192 -21.20 -7.30 -13.66
C HIS B 192 -21.19 -6.78 -15.10
N ARG B 193 -20.00 -6.40 -15.57
CA ARG B 193 -19.85 -5.75 -16.86
C ARG B 193 -20.27 -6.63 -18.03
N LEU B 194 -19.87 -7.90 -18.00
CA LEU B 194 -20.11 -8.80 -19.13
C LEU B 194 -21.53 -9.34 -19.22
N THR B 195 -22.06 -9.85 -18.10
CA THR B 195 -23.37 -10.50 -18.12
C THR B 195 -24.51 -9.52 -17.90
N GLY B 196 -24.19 -8.29 -17.52
CA GLY B 196 -25.18 -7.23 -17.41
C GLY B 196 -26.12 -7.35 -16.22
N GLU B 197 -25.83 -8.29 -15.33
CA GLU B 197 -26.67 -8.53 -14.17
C GLU B 197 -26.19 -7.74 -12.96
N THR B 198 -27.14 -7.23 -12.18
CA THR B 198 -26.85 -6.47 -10.97
C THR B 198 -27.09 -7.34 -9.74
N ARG B 199 -26.28 -7.14 -8.70
CA ARG B 199 -26.40 -7.92 -7.48
C ARG B 199 -26.15 -7.11 -6.22
N LEU B 200 -26.98 -7.33 -5.22
CA LEU B 200 -26.84 -6.68 -3.92
C LEU B 200 -25.70 -7.30 -3.12
N SER B 201 -25.20 -6.55 -2.15
CA SER B 201 -24.07 -7.00 -1.32
C SER B 201 -24.47 -8.16 -0.40
N ALA B 202 -25.76 -8.25 -0.09
CA ALA B 202 -26.29 -9.29 0.79
C ALA B 202 -25.83 -9.16 2.25
N THR B 203 -24.93 -8.19 2.50
CA THR B 203 -24.50 -7.85 3.85
C THR B 203 -24.58 -6.35 4.01
N LYS B 204 -25.19 -5.89 5.10
CA LYS B 204 -25.31 -4.47 5.35
C LYS B 204 -24.26 -3.99 6.36
N GLY B 205 -23.43 -3.05 5.92
CA GLY B 205 -22.43 -2.46 6.79
C GLY B 205 -23.06 -1.39 7.67
N ARG B 206 -22.49 -1.19 8.84
CA ARG B 206 -23.00 -0.21 9.80
C ARG B 206 -21.87 0.65 10.32
N LEU B 207 -22.14 1.94 10.48
CA LEU B 207 -21.15 2.87 11.00
C LEU B 207 -21.19 2.89 12.52
N VAL B 208 -20.05 2.57 13.12
CA VAL B 208 -19.91 2.60 14.58
C VAL B 208 -19.19 3.88 14.97
N ILE B 209 -19.92 4.80 15.58
CA ILE B 209 -19.34 6.06 16.03
C ILE B 209 -18.93 5.92 17.49
N THR B 210 -17.63 5.93 17.72
CA THR B 210 -17.08 5.84 19.07
C THR B 210 -16.80 7.25 19.57
N GLU B 211 -17.38 7.59 20.73
CA GLU B 211 -17.17 8.92 21.29
C GLU B 211 -15.78 8.99 21.89
N PRO B 212 -15.06 10.10 21.63
CA PRO B 212 -13.65 10.13 22.04
C PRO B 212 -13.46 10.02 23.56
N VAL B 213 -12.60 9.10 23.98
CA VAL B 213 -12.12 9.04 25.35
C VAL B 213 -10.69 9.58 25.32
N GLY B 214 -10.52 10.79 25.85
CA GLY B 214 -9.26 11.49 25.73
C GLY B 214 -8.98 11.90 24.29
N SER B 215 -7.74 12.28 24.01
CA SER B 215 -7.33 12.68 22.67
C SER B 215 -6.39 11.66 22.06
N LYS B 216 -6.47 11.50 20.75
CA LYS B 216 -5.58 10.57 20.04
C LYS B 216 -5.01 11.20 18.76
N ALA B 217 -3.75 10.87 18.49
CA ALA B 217 -3.04 11.40 17.34
C ALA B 217 -3.52 10.73 16.05
N PRO B 218 -3.13 11.30 14.89
CA PRO B 218 -3.50 10.71 13.59
C PRO B 218 -3.10 9.25 13.46
N THR B 219 -4.06 8.42 13.05
CA THR B 219 -3.84 6.99 12.85
C THR B 219 -4.47 6.54 11.53
N PHE B 220 -3.63 6.08 10.62
CA PHE B 220 -4.10 5.56 9.34
C PHE B 220 -4.61 4.12 9.48
N ALA B 221 -5.50 3.72 8.57
CA ALA B 221 -6.05 2.38 8.58
C ALA B 221 -4.94 1.32 8.50
N THR B 222 -3.88 1.63 7.76
CA THR B 222 -2.74 0.75 7.62
C THR B 222 -1.45 1.48 7.97
N ALA B 223 -0.42 0.73 8.35
CA ALA B 223 0.85 1.32 8.76
C ALA B 223 1.72 1.68 7.55
N SER B 224 1.25 1.38 6.35
CA SER B 224 2.01 1.67 5.14
C SER B 224 2.08 3.18 4.88
N LYS B 225 3.30 3.67 4.70
CA LYS B 225 3.54 5.09 4.48
C LYS B 225 3.62 5.45 3.00
N ILE B 226 3.46 4.45 2.13
CA ILE B 226 3.56 4.69 0.69
C ILE B 226 2.69 3.72 -0.11
N SER B 227 2.19 4.18 -1.25
CA SER B 227 1.40 3.36 -2.15
C SER B 227 1.44 3.95 -3.55
N SER B 228 1.01 3.16 -4.54
CA SER B 228 0.92 3.63 -5.92
C SER B 228 -0.39 3.18 -6.56
N LEU B 229 -0.80 3.88 -7.61
CA LEU B 229 -1.97 3.47 -8.37
C LEU B 229 -1.89 3.95 -9.82
N LEU B 230 -2.66 3.29 -10.68
CA LEU B 230 -2.73 3.63 -12.09
C LEU B 230 -4.04 4.35 -12.39
N GLY B 231 -4.00 5.24 -13.38
CA GLY B 231 -5.20 5.91 -13.83
C GLY B 231 -5.10 6.24 -15.31
N SER B 232 -6.26 6.43 -15.93
CA SER B 232 -6.34 6.72 -17.36
C SER B 232 -6.69 8.18 -17.56
N SER B 233 -6.20 8.76 -18.66
CA SER B 233 -6.50 10.14 -18.98
C SER B 233 -8.01 10.30 -19.16
N SER B 234 -8.51 11.51 -18.87
CA SER B 234 -9.93 11.86 -19.00
C SER B 234 -10.81 11.21 -17.92
N SER B 235 -10.21 10.40 -17.06
CA SER B 235 -10.95 9.71 -16.00
C SER B 235 -10.75 10.40 -14.65
N ASP B 236 -11.78 10.37 -13.81
CA ASP B 236 -11.71 10.97 -12.48
C ASP B 236 -10.95 10.04 -11.54
N ILE B 237 -9.84 10.54 -10.99
CA ILE B 237 -8.95 9.74 -10.14
C ILE B 237 -9.08 10.14 -8.67
N VAL B 238 -9.16 9.14 -7.81
CA VAL B 238 -9.33 9.34 -6.38
C VAL B 238 -8.07 8.97 -5.61
N LEU B 239 -7.51 9.94 -4.89
CA LEU B 239 -6.44 9.67 -3.94
C LEU B 239 -7.00 9.70 -2.53
N LEU B 240 -7.08 8.53 -1.91
CA LEU B 240 -7.68 8.39 -0.59
C LEU B 240 -6.67 8.67 0.50
N CYS B 241 -7.07 9.54 1.43
CA CYS B 241 -6.38 9.68 2.69
C CYS B 241 -7.37 9.32 3.79
N GLN B 242 -7.17 8.16 4.40
CA GLN B 242 -8.05 7.69 5.46
C GLN B 242 -7.28 7.63 6.76
N ALA B 243 -7.60 8.57 7.64
CA ALA B 243 -6.91 8.71 8.91
C ALA B 243 -7.87 9.26 9.95
N GLN B 244 -7.72 8.81 11.19
CA GLN B 244 -8.53 9.30 12.28
C GLN B 244 -7.68 9.94 13.36
N ALA B 245 -8.20 11.02 13.92
CA ALA B 245 -7.55 11.69 15.04
C ALA B 245 -8.60 12.39 15.85
N PHE B 246 -8.27 12.73 17.10
CA PHE B 246 -9.09 13.64 17.86
C PHE B 246 -8.17 14.63 18.57
N PRO B 247 -8.51 15.92 18.56
CA PRO B 247 -9.59 16.57 17.80
C PRO B 247 -9.43 16.37 16.29
N VAL B 248 -10.52 16.54 15.53
CA VAL B 248 -10.54 16.24 14.10
C VAL B 248 -9.38 16.94 13.38
N PRO B 249 -8.55 16.16 12.67
CA PRO B 249 -7.34 16.73 12.07
C PRO B 249 -7.60 17.49 10.77
N TYR B 250 -6.70 18.40 10.43
CA TYR B 250 -6.73 19.06 9.13
C TYR B 250 -5.64 18.45 8.24
N THR B 251 -5.94 18.32 6.96
CA THR B 251 -5.05 17.60 6.03
C THR B 251 -4.59 18.50 4.89
N ARG B 252 -3.37 18.26 4.43
CA ARG B 252 -2.80 19.03 3.32
C ARG B 252 -2.16 18.11 2.29
N TRP B 253 -2.50 18.33 1.02
CA TRP B 253 -1.93 17.57 -0.09
C TRP B 253 -0.80 18.35 -0.75
N TYR B 254 0.29 17.64 -1.05
CA TYR B 254 1.44 18.23 -1.74
C TYR B 254 1.84 17.36 -2.93
N LYS B 255 2.65 17.93 -3.82
CA LYS B 255 3.19 17.21 -4.96
C LYS B 255 4.68 17.49 -5.08
N PHE B 256 5.49 16.45 -4.96
CA PHE B 256 6.94 16.60 -4.97
C PHE B 256 7.45 17.13 -6.31
N ILE B 257 8.54 17.90 -6.24
CA ILE B 257 9.21 18.40 -7.44
C ILE B 257 10.09 17.30 -8.01
N GLU B 258 10.36 17.38 -9.31
CA GLU B 258 11.17 16.38 -10.00
C GLU B 258 12.55 16.23 -9.38
N GLY B 259 13.03 17.28 -8.70
CA GLY B 259 14.26 17.20 -7.93
C GLY B 259 14.08 16.29 -6.74
N THR B 260 12.82 16.03 -6.39
CA THR B 260 12.43 15.03 -5.40
C THR B 260 12.65 15.49 -3.95
N THR B 261 13.47 16.51 -3.75
CA THR B 261 13.65 17.08 -2.42
C THR B 261 12.54 18.08 -2.09
N ARG B 262 12.24 18.96 -3.04
CA ARG B 262 11.24 20.00 -2.86
C ARG B 262 9.82 19.50 -3.07
N LYS B 263 8.85 20.19 -2.47
CA LYS B 263 7.44 19.91 -2.68
C LYS B 263 6.63 21.19 -2.73
N GLN B 264 5.56 21.17 -3.52
CA GLN B 264 4.64 22.29 -3.65
C GLN B 264 3.25 21.90 -3.17
N ALA B 265 2.52 22.87 -2.61
CA ALA B 265 1.14 22.64 -2.20
C ALA B 265 0.27 22.43 -3.43
N VAL B 266 -0.58 21.41 -3.39
CA VAL B 266 -1.48 21.11 -4.50
C VAL B 266 -2.49 22.24 -4.66
N VAL B 267 -2.57 22.78 -5.87
CA VAL B 267 -3.51 23.86 -6.16
C VAL B 267 -4.90 23.28 -6.41
N LEU B 268 -5.86 23.72 -5.61
CA LEU B 268 -7.24 23.23 -5.73
C LEU B 268 -8.08 24.18 -6.58
N ASN B 269 -8.81 23.59 -7.52
CA ASN B 269 -9.66 24.35 -8.42
C ASN B 269 -10.89 23.52 -8.83
N ASP B 270 -11.62 23.99 -9.83
CA ASP B 270 -12.80 23.29 -10.31
C ASP B 270 -12.48 21.91 -10.89
N ARG B 271 -11.20 21.67 -11.17
CA ARG B 271 -10.76 20.42 -11.77
C ARG B 271 -10.19 19.50 -10.67
N VAL B 272 -9.11 19.95 -10.04
CA VAL B 272 -8.52 19.25 -8.89
C VAL B 272 -9.17 19.78 -7.62
N LYS B 273 -9.86 18.90 -6.90
CA LYS B 273 -10.57 19.29 -5.69
C LYS B 273 -10.55 18.17 -4.65
N GLN B 274 -10.35 18.54 -3.38
CA GLN B 274 -10.31 17.57 -2.30
C GLN B 274 -11.57 17.66 -1.43
N VAL B 275 -12.06 16.51 -1.00
CA VAL B 275 -13.19 16.43 -0.10
C VAL B 275 -12.72 15.99 1.28
N SER B 276 -12.66 16.95 2.21
CA SER B 276 -12.35 16.67 3.61
C SER B 276 -11.21 15.67 3.78
N GLY B 277 -10.14 15.84 3.00
CA GLY B 277 -8.98 14.97 3.07
C GLY B 277 -8.80 14.00 1.92
N THR B 278 -9.86 13.75 1.16
CA THR B 278 -9.78 12.88 -0.01
C THR B 278 -9.63 13.71 -1.27
N LEU B 279 -8.50 13.54 -1.95
CA LEU B 279 -8.20 14.32 -3.14
C LEU B 279 -8.74 13.67 -4.40
N ILE B 280 -9.54 14.42 -5.15
CA ILE B 280 -10.09 13.96 -6.43
C ILE B 280 -9.50 14.77 -7.58
N ILE B 281 -8.92 14.07 -8.54
CA ILE B 281 -8.43 14.70 -9.77
C ILE B 281 -9.34 14.29 -10.92
N LYS B 282 -10.17 15.23 -11.37
CA LYS B 282 -11.08 14.99 -12.49
C LYS B 282 -10.35 15.10 -13.81
N ASP B 283 -10.88 14.45 -14.84
CA ASP B 283 -10.43 14.65 -16.22
C ASP B 283 -8.92 14.59 -16.30
N ALA B 284 -8.35 13.55 -15.70
CA ALA B 284 -6.90 13.46 -15.48
C ALA B 284 -6.10 13.54 -16.77
N VAL B 285 -4.89 14.08 -16.66
CA VAL B 285 -3.95 14.16 -17.77
C VAL B 285 -2.61 13.59 -17.34
N VAL B 286 -1.75 13.31 -18.30
CA VAL B 286 -0.45 12.69 -18.04
C VAL B 286 0.39 13.51 -17.05
N GLU B 287 0.23 14.84 -17.12
CA GLU B 287 1.07 15.73 -16.31
C GLU B 287 0.71 15.66 -14.82
N ASP B 288 -0.42 15.04 -14.50
CA ASP B 288 -0.81 14.85 -13.10
C ASP B 288 0.05 13.79 -12.43
N SER B 289 0.84 13.06 -13.22
CA SER B 289 1.70 12.01 -12.69
C SER B 289 2.79 12.60 -11.79
N GLY B 290 3.14 11.84 -10.76
CA GLY B 290 4.18 12.24 -9.82
C GLY B 290 3.94 11.64 -8.45
N LYS B 291 4.78 11.98 -7.50
CA LYS B 291 4.63 11.53 -6.12
C LYS B 291 3.85 12.56 -5.32
N TYR B 292 2.77 12.11 -4.68
CA TYR B 292 1.93 12.97 -3.87
C TYR B 292 2.10 12.65 -2.39
N LEU B 293 1.95 13.66 -1.54
CA LEU B 293 2.07 13.50 -0.10
C LEU B 293 0.84 14.03 0.62
N CYS B 294 0.17 13.14 1.34
CA CYS B 294 -0.95 13.51 2.19
C CYS B 294 -0.46 13.73 3.61
N VAL B 295 -0.49 14.98 4.06
CA VAL B 295 0.01 15.33 5.40
C VAL B 295 -1.16 15.63 6.33
N VAL B 296 -1.28 14.80 7.37
CA VAL B 296 -2.30 15.01 8.40
C VAL B 296 -1.62 15.43 9.70
N ASN B 297 -1.81 16.69 10.07
CA ASN B 297 -1.26 17.21 11.31
C ASN B 297 -2.37 17.68 12.24
N ASN B 298 -2.11 17.58 13.54
CA ASN B 298 -3.12 17.86 14.55
C ASN B 298 -2.41 18.38 15.81
N SER B 299 -3.17 18.80 16.82
CA SER B 299 -2.58 19.34 18.04
C SER B 299 -1.75 18.29 18.77
N VAL B 300 -2.22 17.05 18.73
CA VAL B 300 -1.58 15.95 19.45
C VAL B 300 -0.36 15.41 18.67
N GLY B 301 -0.34 15.60 17.37
CA GLY B 301 0.75 15.10 16.53
C GLY B 301 0.43 15.16 15.05
N GLY B 302 1.24 14.47 14.25
CA GLY B 302 1.06 14.48 12.80
C GLY B 302 1.60 13.25 12.09
N GLU B 303 1.06 13.00 10.90
CA GLU B 303 1.46 11.87 10.07
C GLU B 303 1.36 12.26 8.60
N SER B 304 2.23 11.66 7.77
CA SER B 304 2.21 11.94 6.34
C SER B 304 2.39 10.66 5.51
N VAL B 305 1.44 10.40 4.61
CA VAL B 305 1.49 9.25 3.72
C VAL B 305 1.78 9.70 2.29
N GLU B 306 2.54 8.88 1.57
CA GLU B 306 2.95 9.19 0.21
C GLU B 306 2.16 8.35 -0.79
N THR B 307 1.89 8.93 -1.96
CA THR B 307 1.19 8.22 -3.03
C THR B 307 1.85 8.52 -4.38
N VAL B 308 2.28 7.47 -5.07
CA VAL B 308 2.88 7.62 -6.40
C VAL B 308 1.83 7.36 -7.47
N LEU B 309 1.45 8.42 -8.18
CA LEU B 309 0.42 8.34 -9.19
C LEU B 309 1.02 8.28 -10.59
N THR B 310 0.48 7.41 -11.42
CA THR B 310 0.85 7.30 -12.82
C THR B 310 -0.41 7.40 -13.67
N VAL B 311 -0.42 8.34 -14.61
CA VAL B 311 -1.56 8.55 -15.49
C VAL B 311 -1.21 8.08 -16.90
N THR B 312 -2.01 7.17 -17.42
CA THR B 312 -1.78 6.59 -18.73
C THR B 312 -2.68 7.23 -19.78
N ALA B 313 -2.17 7.38 -20.98
CA ALA B 313 -2.95 7.91 -22.10
C ALA B 313 -3.03 6.87 -23.21
N PRO B 314 -4.17 6.82 -23.92
CA PRO B 314 -4.35 5.81 -24.96
C PRO B 314 -3.40 6.00 -26.14
N LEU B 315 -2.94 4.90 -26.72
CA LEU B 315 -2.02 4.97 -27.85
C LEU B 315 -2.75 5.21 -29.16
N SER B 316 -2.17 6.08 -29.98
CA SER B 316 -2.67 6.36 -31.32
C SER B 316 -1.49 6.62 -32.23
N ALA B 317 -1.61 6.25 -33.50
CA ALA B 317 -0.55 6.45 -34.47
C ALA B 317 -1.10 6.88 -35.82
N LYS B 318 -0.38 7.80 -36.48
CA LYS B 318 -0.76 8.27 -37.80
C LYS B 318 0.50 8.59 -38.60
N ILE B 319 0.51 8.20 -39.88
CA ILE B 319 1.64 8.50 -40.76
C ILE B 319 1.33 9.75 -41.56
N ASP B 320 2.29 10.67 -41.62
CA ASP B 320 2.04 12.00 -42.18
C ASP B 320 1.54 11.93 -43.62
N PRO B 321 2.37 11.43 -44.57
CA PRO B 321 1.71 11.11 -45.84
C PRO B 321 0.87 9.85 -45.70
N PRO B 322 -0.41 9.88 -46.13
CA PRO B 322 -1.12 8.60 -46.21
C PRO B 322 -0.62 7.77 -47.38
N THR B 323 -0.33 8.46 -48.48
CA THR B 323 0.18 7.83 -49.70
C THR B 323 1.04 8.84 -50.45
N GLN B 324 2.06 8.36 -51.13
CA GLN B 324 2.88 9.22 -51.99
C GLN B 324 3.48 8.42 -53.15
N THR B 325 3.68 9.10 -54.26
CA THR B 325 4.21 8.48 -55.47
C THR B 325 5.53 9.13 -55.87
N VAL B 326 6.59 8.32 -55.86
CA VAL B 326 7.93 8.82 -56.17
C VAL B 326 8.34 8.35 -57.56
N ASP B 327 9.12 9.19 -58.24
CA ASP B 327 9.46 9.01 -59.65
C ASP B 327 10.71 8.16 -59.88
N PHE B 328 11.19 7.53 -58.80
CA PHE B 328 12.50 6.87 -58.68
C PHE B 328 13.53 7.90 -58.26
N GLY B 329 13.10 9.16 -58.11
CA GLY B 329 13.89 10.13 -57.38
C GLY B 329 14.19 9.50 -56.05
N ARG B 330 15.48 9.47 -55.69
CA ARG B 330 15.97 8.63 -54.63
C ARG B 330 15.35 8.87 -53.23
N PRO B 331 15.05 10.13 -52.87
CA PRO B 331 14.47 10.31 -51.54
C PRO B 331 13.00 9.89 -51.41
N ALA B 332 12.66 9.28 -50.27
CA ALA B 332 11.27 9.01 -49.91
C ALA B 332 11.14 9.09 -48.39
N VAL B 333 10.03 9.64 -47.90
CA VAL B 333 9.90 9.91 -46.47
C VAL B 333 8.54 9.54 -45.89
N PHE B 334 8.56 8.98 -44.69
CA PHE B 334 7.37 8.74 -43.89
C PHE B 334 7.59 9.25 -42.48
N THR B 335 6.63 10.02 -41.97
CA THR B 335 6.71 10.59 -40.63
C THR B 335 5.58 10.03 -39.76
N CYS B 336 5.95 9.36 -38.67
CA CYS B 336 4.99 8.72 -37.78
C CYS B 336 4.60 9.64 -36.64
N GLN B 337 3.34 10.07 -36.64
CA GLN B 337 2.79 10.87 -35.57
C GLN B 337 2.08 9.97 -34.56
N TYR B 338 2.63 9.87 -33.35
CA TYR B 338 2.06 9.01 -32.32
C TYR B 338 1.86 9.73 -30.99
N THR B 339 0.83 9.32 -30.27
CA THR B 339 0.47 9.89 -28.98
C THR B 339 0.21 8.80 -27.96
N GLY B 340 0.07 9.20 -26.70
CA GLY B 340 -0.21 8.27 -25.62
C GLY B 340 0.98 8.06 -24.71
N ASN B 341 0.69 7.56 -23.50
CA ASN B 341 1.73 7.30 -22.52
C ASN B 341 1.44 6.03 -21.71
N PRO B 342 2.49 5.24 -21.40
CA PRO B 342 3.88 5.39 -21.86
C PRO B 342 4.07 4.84 -23.27
N ILE B 343 5.28 4.95 -23.80
CA ILE B 343 5.64 4.35 -25.08
C ILE B 343 6.86 3.46 -24.87
N LYS B 344 6.67 2.16 -24.97
CA LYS B 344 7.77 1.22 -24.77
C LYS B 344 8.64 1.10 -26.01
N THR B 345 8.01 0.89 -27.17
CA THR B 345 8.74 0.63 -28.41
C THR B 345 8.06 1.23 -29.63
N VAL B 346 8.87 1.75 -30.54
CA VAL B 346 8.42 2.20 -31.85
C VAL B 346 9.10 1.34 -32.91
N SER B 347 8.31 0.81 -33.84
CA SER B 347 8.85 -0.09 -34.85
C SER B 347 8.11 0.07 -36.17
N TRP B 348 8.87 -0.01 -37.26
CA TRP B 348 8.32 0.08 -38.61
C TRP B 348 8.18 -1.31 -39.22
N MET B 349 7.13 -1.49 -40.03
CA MET B 349 6.92 -2.77 -40.72
C MET B 349 6.66 -2.55 -42.21
N LYS B 350 7.01 -3.55 -43.00
CA LYS B 350 6.77 -3.55 -44.44
C LYS B 350 5.98 -4.78 -44.84
N ASP B 351 4.76 -4.56 -45.31
CA ASP B 351 3.88 -5.64 -45.74
C ASP B 351 3.78 -6.75 -44.70
N GLY B 352 3.83 -6.36 -43.43
CA GLY B 352 3.61 -7.27 -42.33
C GLY B 352 4.86 -7.83 -41.68
N LYS B 353 6.01 -7.25 -41.99
CA LYS B 353 7.29 -7.72 -41.44
C LYS B 353 8.18 -6.55 -41.02
N ALA B 354 8.81 -6.70 -39.86
CA ALA B 354 9.65 -5.64 -39.29
C ALA B 354 10.82 -5.29 -40.18
N ILE B 355 11.04 -3.98 -40.36
CA ILE B 355 12.11 -3.49 -41.23
C ILE B 355 13.38 -3.16 -40.45
N GLY B 356 13.31 -3.27 -39.13
CA GLY B 356 14.46 -3.02 -38.28
C GLY B 356 14.83 -1.55 -38.16
N HIS B 357 13.81 -0.69 -38.14
CA HIS B 357 14.01 0.74 -37.93
C HIS B 357 13.02 1.25 -36.89
N SER B 358 13.54 1.73 -35.76
CA SER B 358 12.69 2.19 -34.65
C SER B 358 12.47 3.71 -34.59
N GLU B 359 13.10 4.45 -35.49
CA GLU B 359 13.04 5.91 -35.43
C GLU B 359 11.69 6.42 -35.96
N PRO B 360 11.14 7.49 -35.33
CA PRO B 360 9.82 7.98 -35.74
C PRO B 360 9.72 8.43 -37.19
N VAL B 361 10.85 8.81 -37.80
CA VAL B 361 10.87 9.24 -39.20
C VAL B 361 11.59 8.22 -40.06
N LEU B 362 10.85 7.53 -40.91
CA LEU B 362 11.43 6.56 -41.83
C LEU B 362 11.77 7.22 -43.16
N ARG B 363 13.06 7.20 -43.51
CA ARG B 363 13.51 7.71 -44.79
C ARG B 363 14.05 6.57 -45.65
N ILE B 364 13.45 6.41 -46.84
CA ILE B 364 14.04 5.55 -47.85
C ILE B 364 14.74 6.45 -48.84
N GLU B 365 16.07 6.44 -48.77
CA GLU B 365 16.88 7.06 -49.81
C GLU B 365 16.97 6.03 -50.92
N SER B 366 17.13 6.50 -52.15
CA SER B 366 17.24 5.61 -53.30
C SER B 366 16.01 4.73 -53.45
N VAL B 367 14.90 5.34 -53.86
CA VAL B 367 13.68 4.60 -54.17
C VAL B 367 13.92 3.62 -55.32
N LYS B 368 13.55 2.36 -55.09
CA LYS B 368 13.70 1.32 -56.10
C LYS B 368 12.46 0.43 -56.08
N LYS B 369 12.33 -0.42 -57.09
CA LYS B 369 11.12 -1.23 -57.24
C LYS B 369 10.93 -2.17 -56.05
N GLU B 370 12.00 -2.41 -55.31
CA GLU B 370 11.93 -3.21 -54.10
C GLU B 370 11.10 -2.50 -53.03
N ASP B 371 11.05 -1.17 -53.11
CA ASP B 371 10.49 -0.36 -52.04
C ASP B 371 8.97 -0.20 -52.13
N LYS B 372 8.39 -0.55 -53.27
CA LYS B 372 6.94 -0.43 -53.42
C LYS B 372 6.23 -1.39 -52.49
N GLY B 373 5.15 -0.92 -51.86
CA GLY B 373 4.38 -1.74 -50.95
C GLY B 373 3.72 -0.92 -49.85
N MET B 374 3.22 -1.62 -48.84
CA MET B 374 2.58 -0.97 -47.70
C MET B 374 3.54 -0.90 -46.53
N TYR B 375 3.58 0.26 -45.89
CA TYR B 375 4.41 0.48 -44.71
C TYR B 375 3.53 0.78 -43.51
N GLN B 376 4.03 0.41 -42.33
CA GLN B 376 3.26 0.62 -41.10
C GLN B 376 4.15 1.01 -39.92
N CYS B 377 3.68 2.00 -39.17
CA CYS B 377 4.30 2.39 -37.90
C CYS B 377 3.58 1.66 -36.77
N PHE B 378 4.36 1.15 -35.82
CA PHE B 378 3.79 0.42 -34.69
C PHE B 378 4.32 0.96 -33.36
N VAL B 379 3.41 1.51 -32.56
CA VAL B 379 3.73 1.93 -31.20
C VAL B 379 3.10 0.95 -30.22
N ARG B 380 3.86 0.56 -29.20
CA ARG B 380 3.39 -0.42 -28.23
C ARG B 380 3.76 -0.05 -26.81
N ASN B 381 2.83 -0.28 -25.89
CA ASN B 381 3.15 -0.46 -24.49
C ASN B 381 2.80 -1.90 -24.15
N ASP B 382 2.97 -2.29 -22.89
CA ASP B 382 2.77 -3.69 -22.53
C ASP B 382 1.29 -4.10 -22.65
N GLN B 383 0.39 -3.18 -22.29
CA GLN B 383 -1.05 -3.48 -22.24
C GLN B 383 -1.84 -3.05 -23.47
N GLU B 384 -1.21 -2.38 -24.43
CA GLU B 384 -1.94 -1.84 -25.58
C GLU B 384 -1.03 -1.67 -26.80
N SER B 385 -1.65 -1.53 -27.97
CA SER B 385 -0.93 -1.33 -29.22
C SER B 385 -1.72 -0.45 -30.18
N ALA B 386 -1.01 0.20 -31.10
CA ALA B 386 -1.63 1.02 -32.12
C ALA B 386 -0.83 0.95 -33.41
N GLU B 387 -1.48 1.24 -34.54
CA GLU B 387 -0.82 1.17 -35.83
C GLU B 387 -1.35 2.22 -36.79
N ALA B 388 -0.53 2.56 -37.79
CA ALA B 388 -0.90 3.48 -38.85
C ALA B 388 -0.48 2.90 -40.19
N SER B 389 -1.28 3.13 -41.21
CA SER B 389 -1.02 2.57 -42.54
C SER B 389 -0.58 3.64 -43.53
N ALA B 390 0.29 3.25 -44.45
CA ALA B 390 0.73 4.13 -45.53
C ALA B 390 1.14 3.31 -46.75
N GLU B 391 1.02 3.91 -47.93
CA GLU B 391 1.36 3.25 -49.18
C GLU B 391 2.45 4.02 -49.93
N LEU B 392 3.29 3.28 -50.65
CA LEU B 392 4.32 3.87 -51.49
C LEU B 392 4.13 3.44 -52.94
N LYS B 393 4.00 4.42 -53.83
CA LYS B 393 3.80 4.17 -55.25
C LYS B 393 4.99 4.67 -56.06
N LEU B 394 5.18 4.10 -57.24
CA LEU B 394 6.25 4.51 -58.14
C LEU B 394 5.71 5.31 -59.32
N GLY B 395 6.49 6.29 -59.76
CA GLY B 395 6.15 7.10 -60.90
C GLY B 395 6.85 6.61 -62.16
C1 NAG C . -13.35 0.21 33.59
C2 NAG C . -14.15 -0.22 34.79
C3 NAG C . -15.15 -1.29 34.39
C4 NAG C . -16.00 -0.82 33.21
C5 NAG C . -15.17 -0.20 32.10
C6 NAG C . -16.01 0.56 31.10
C7 NAG C . -13.31 -0.15 37.10
C8 NAG C . -12.37 -0.76 38.09
N2 NAG C . -13.30 -0.69 35.88
O3 NAG C . -15.98 -1.60 35.50
O4 NAG C . -16.67 -1.94 32.66
O5 NAG C . -14.21 0.76 32.62
O6 NAG C . -15.22 1.25 30.15
O7 NAG C . -14.04 0.79 37.38
C1 NAG C . -18.10 -1.80 32.70
C2 NAG C . -18.68 -2.97 31.90
C3 NAG C . -20.19 -3.00 32.01
C4 NAG C . -20.62 -3.00 33.47
C5 NAG C . -20.01 -1.79 34.17
C6 NAG C . -20.34 -1.71 35.64
C7 NAG C . -17.24 -3.54 29.99
C8 NAG C . -16.98 -3.32 28.53
N2 NAG C . -18.27 -2.88 30.51
O3 NAG C . -20.68 -4.17 31.35
O4 NAG C . -22.05 -2.94 33.54
O5 NAG C . -18.59 -1.87 34.06
O6 NAG C . -20.17 -0.40 36.14
O7 NAG C . -16.54 -4.29 30.67
C1 BMA C . -22.52 -4.30 33.54
C2 BMA C . -23.71 -4.40 34.45
C3 BMA C . -24.22 -5.87 34.48
C4 BMA C . -24.50 -6.33 33.04
C5 BMA C . -23.23 -6.18 32.19
C6 BMA C . -23.42 -6.52 30.73
O2 BMA C . -24.79 -3.59 33.95
O3 BMA C . -25.36 -6.07 35.32
O4 BMA C . -24.92 -7.69 33.04
O5 BMA C . -22.78 -4.80 32.25
O6 BMA C . -22.15 -6.53 30.09
C1 MAN C . -25.48 -4.98 36.25
C2 MAN C . -24.85 -5.35 37.65
C3 MAN C . -25.79 -5.07 38.81
C4 MAN C . -26.59 -3.84 38.55
C5 MAN C . -27.53 -4.16 37.40
C6 MAN C . -28.49 -3.04 37.10
O2 MAN C . -23.70 -4.52 37.90
O3 MAN C . -25.07 -4.94 40.04
O4 MAN C . -27.35 -3.47 39.69
O5 MAN C . -26.76 -4.35 36.20
O6 MAN C . -28.88 -3.21 35.73
C1 NAG D . 9.93 -12.00 -14.95
C2 NAG D . 10.86 -12.05 -16.14
C3 NAG D . 11.65 -10.75 -16.24
C4 NAG D . 10.76 -9.52 -16.15
C5 NAG D . 9.71 -9.65 -15.03
C6 NAG D . 8.62 -8.61 -15.09
C7 NAG D . 11.58 -14.34 -16.72
C8 NAG D . 12.62 -15.39 -16.50
N2 NAG D . 11.76 -13.19 -16.05
O3 NAG D . 12.37 -10.73 -17.47
O4 NAG D . 11.61 -8.43 -15.88
O5 NAG D . 9.06 -10.92 -15.09
O6 NAG D . 8.06 -8.37 -13.81
O7 NAG D . 10.62 -14.51 -17.47
C1 NAG D . 11.18 -7.10 -16.25
C2 NAG D . 12.18 -6.15 -15.60
C3 NAG D . 11.79 -4.70 -15.90
C4 NAG D . 11.66 -4.49 -17.40
C5 NAG D . 10.69 -5.52 -17.98
C6 NAG D . 10.60 -5.44 -19.49
C7 NAG D . 13.10 -7.26 -13.62
C8 NAG D . 13.05 -7.38 -12.13
N2 NAG D . 12.27 -6.38 -14.18
O3 NAG D . 12.79 -3.84 -15.37
O4 NAG D . 11.18 -3.18 -17.66
O5 NAG D . 11.13 -6.85 -17.66
O6 NAG D . 9.39 -6.01 -19.96
O7 NAG D . 13.85 -7.96 -14.30
C1 NAG E . -21.10 -20.81 -18.56
C2 NAG E . -22.26 -21.66 -19.02
C3 NAG E . -23.31 -21.73 -17.91
C4 NAG E . -22.67 -22.20 -16.61
C5 NAG E . -21.40 -21.42 -16.29
C6 NAG E . -20.61 -22.04 -15.15
C7 NAG E . -23.17 -21.89 -21.30
C8 NAG E . -23.77 -21.18 -22.47
N2 NAG E . -22.86 -21.13 -20.24
O3 NAG E . -24.34 -22.62 -18.30
O4 NAG E . -23.59 -22.00 -15.54
O5 NAG E . -20.51 -21.39 -17.42
O6 NAG E . -19.60 -21.17 -14.68
O7 NAG E . -22.97 -23.10 -21.30
C1 NAG E . -24.01 -23.23 -14.93
C2 NAG E . -24.30 -22.95 -13.44
C3 NAG E . -24.80 -24.21 -12.75
C4 NAG E . -25.99 -24.78 -13.50
C5 NAG E . -25.64 -25.01 -14.96
C6 NAG E . -26.81 -25.47 -15.79
C7 NAG E . -22.87 -21.13 -12.61
C8 NAG E . -21.61 -20.78 -11.89
N2 NAG E . -23.12 -22.43 -12.78
O3 NAG E . -25.17 -23.89 -11.41
O4 NAG E . -26.38 -26.03 -12.92
O5 NAG E . -25.19 -23.78 -15.54
O6 NAG E . -26.41 -25.84 -17.10
O7 NAG E . -23.65 -20.26 -13.03
C1 NAG F . 3.48 18.50 10.34
C2 NAG F . 4.30 19.41 11.27
C3 NAG F . 5.80 19.15 11.10
C4 NAG F . 6.09 17.67 11.32
C5 NAG F . 5.31 16.88 10.28
C6 NAG F . 5.53 15.38 10.39
C7 NAG F . 3.24 21.54 11.86
C8 NAG F . 3.03 22.96 11.46
N2 NAG F . 4.00 20.81 11.05
O3 NAG F . 6.53 19.94 12.02
O4 NAG F . 7.49 17.39 11.34
O5 NAG F . 3.91 17.11 10.49
O6 NAG F . 4.55 14.67 9.65
O7 NAG F . 2.74 21.07 12.88
C1 NAG F . 8.26 17.40 10.13
C2 NAG F . 9.23 18.60 10.24
C3 NAG F . 10.40 18.47 9.27
C4 NAG F . 11.08 17.13 9.44
C5 NAG F . 10.05 16.03 9.20
C6 NAG F . 10.61 14.64 9.36
C7 NAG F . 8.89 21.02 10.56
C8 NAG F . 8.05 22.20 10.19
N2 NAG F . 8.53 19.86 10.01
O3 NAG F . 11.32 19.52 9.51
O4 NAG F . 12.15 16.99 8.51
O5 NAG F . 9.01 16.17 10.17
O6 NAG F . 9.98 13.72 8.50
O7 NAG F . 9.84 21.10 11.33
C1 GOL G . 10.29 24.71 38.14
O1 GOL G . 9.44 24.99 39.23
C2 GOL G . 9.60 23.76 37.18
O2 GOL G . 8.21 23.77 37.40
C3 GOL G . 9.88 24.16 35.73
O3 GOL G . 9.12 23.36 34.86
#